data_9CSD
#
_entry.id   9CSD
#
_cell.length_a   1.00
_cell.length_b   1.00
_cell.length_c   1.00
_cell.angle_alpha   90.00
_cell.angle_beta   90.00
_cell.angle_gamma   90.00
#
_symmetry.space_group_name_H-M   'P 1'
#
loop_
_entity.id
_entity.type
_entity.pdbx_description
1 polymer 'Membrane-bound transcription factor site-1 protease'
2 polymer 'SREBP regulating gene protein'
3 branched beta-D-mannopyranose-(1-4)-2-acetamido-2-deoxy-beta-D-glucopyranose-(1-4)-2-acetamido-2-deoxy-beta-D-glucopyranose
4 non-polymer 2-acetamido-2-deoxy-beta-D-glucopyranose
5 non-polymer 4-[(diethylamino)methyl]-N-[2-(2-methoxyphenyl)ethyl]-N-[(3R)-pyrrolidin-3-yl]benzamide
6 non-polymer 'CALCIUM ION'
7 water water
#
loop_
_entity_poly.entity_id
_entity_poly.type
_entity_poly.pdbx_seq_one_letter_code
_entity_poly.pdbx_strand_id
1 'polypeptide(L)'
;MKLVNIWLLLLVVLLCGKKHLGDRLEKKSFEKAPCPGCSHLTLKVEFSSTVVEYEYIVAFNGYFTAKARNSFISSALKSS
EVDNWRIIPRNNPSSDYPSDFEVIQIKEKQKAGLLTLEDHPNIKRVTPQRKVFRSLKYAESDPTVPCNETRWSQKWQSSR
PLRRASLSLGSGFWHATGRHSSRRLLRAIPRQVAQTLQADVLWQMGYTGANVRVAVFDTGLSEKHPHFKNVKERTNWTNE
RTLDDGLGHGTFVAGVIASMRECQGFAPDAELHIFRVFTNNQVSYTSWFLDAFNYAILKKIDVLNLSIGGPDFMDHPFVD
KVWELTANNVIMVSAIGNDGPLYGTLNNPADQMDVIGVGGIDFEDNIARFSSRGMTTWELPGGYGRMKPDIVTYGAGVRG
SGVKGGCRALSGTSVASPVVAGAVTLLVSTVQKRELVNPASMKQALIASARRLPGVNMFEQGHGKLDLLRAYQILNSYKP
QASLSPSYIDLTECPYMWPYCSQPIYYGGMPTVVNVTILNGMGVTGRIVDKPDWQPYLPQNGDNIEVAFSYSSVLWPWSG
YLAISISVTKKAASWEGIAQGHVMITVASPAETESKNGAEQTSTVKLPIKVKIIPTPPRSKRVLWDQYHNLRYPPGYFPR
DNLRMKNDPLDWNGDHIHTNFRDMYQHLRSMGYFVEVLGAPFTCFDASQYGTLLMVDSEEEYFPEEIAKLRRDVDNGLSL
VIFSDWYNTSVMRKVKFYDENTRQWWMPDTGGANIPALNELLSVWNMGFSDGLYEGEFTLANHDMYYASGCSIAKFPEDG
VVITQTFKDQGLEVLKQETAVVENVPILGLYQIPAEGGGRIVLYGDSNCLDDSHRQKDCFWLLDALLQYTSYGVTPPSLS
HSGNRQRPPSGAGSVTPERMEGNHLHRYSKVLEAHLGDPKPRPLPACPRLSWAKPQPLNETAPSNLWKHQKLLSIDLDKV
VLPNFRSNRPQVRPLSPGESGAWDIPGGIMPGRYNQEVDYKDDDDKGSDYKDDDDKGSDYKDDDDK
;
A
2 'polypeptide(L)'
;METDTLLLWVLLLWVPGSTGDKQEERAVRDRNLLQVHDHNQPIPWKVQFNLGNSSRPSNQCRNSIQGKHLITDELGYVCE
RKDLLVNGCCNVNVPSTKQYCCDGCWPNGCCSAYEYCVSCCLQPNKQLLLERFLNRAAVAFQNLFMAVEDHFELCLAKCR
TSSQSVQHENTYRDPIAKYCYGESPPELFPAHHHHHHHHHH
;
B
#
# COMPACT_ATOMS: atom_id res chain seq x y z
N PRO A 190 -10.39 37.35 0.28
CA PRO A 190 -9.57 36.13 0.29
C PRO A 190 -10.39 34.85 0.13
N ARG A 191 -9.70 33.75 -0.14
CA ARG A 191 -10.38 32.49 -0.42
C ARG A 191 -11.08 31.96 0.81
N GLN A 192 -12.21 31.26 0.59
CA GLN A 192 -12.90 30.49 1.61
C GLN A 192 -13.18 29.11 1.05
N VAL A 193 -12.54 28.08 1.62
CA VAL A 193 -12.70 26.74 1.11
C VAL A 193 -14.12 26.23 1.37
N ALA A 194 -14.70 26.57 2.51
CA ALA A 194 -16.05 26.11 2.83
C ALA A 194 -17.05 26.63 1.81
N GLN A 195 -16.93 27.91 1.43
CA GLN A 195 -17.83 28.47 0.43
C GLN A 195 -17.52 27.94 -0.96
N THR A 196 -16.26 27.62 -1.25
CA THR A 196 -15.91 27.08 -2.55
C THR A 196 -16.59 25.74 -2.81
N LEU A 197 -16.81 24.95 -1.75
CA LEU A 197 -17.56 23.71 -1.84
C LEU A 197 -19.05 23.92 -1.58
N GLN A 198 -19.50 25.17 -1.44
CA GLN A 198 -20.91 25.49 -1.25
C GLN A 198 -21.47 24.86 0.03
N ALA A 199 -20.73 24.97 1.13
CA ALA A 199 -21.24 24.49 2.41
C ALA A 199 -22.32 25.41 2.95
N ASP A 200 -22.30 26.68 2.58
CA ASP A 200 -23.33 27.62 3.03
C ASP A 200 -24.70 27.25 2.49
N VAL A 201 -24.77 26.54 1.37
CA VAL A 201 -26.06 26.06 0.88
C VAL A 201 -26.66 25.05 1.85
N LEU A 202 -25.83 24.24 2.49
CA LEU A 202 -26.31 23.35 3.54
C LEU A 202 -26.59 24.09 4.84
N TRP A 203 -25.85 25.17 5.12
CA TRP A 203 -26.13 25.97 6.30
C TRP A 203 -27.51 26.59 6.21
N GLN A 204 -27.88 27.10 5.03
CA GLN A 204 -29.20 27.71 4.86
C GLN A 204 -30.33 26.71 5.06
N MET A 205 -30.05 25.41 4.95
CA MET A 205 -31.04 24.39 5.19
C MET A 205 -31.13 23.98 6.66
N GLY A 206 -30.31 24.58 7.52
CA GLY A 206 -30.38 24.31 8.94
C GLY A 206 -29.43 23.24 9.45
N TYR A 207 -28.47 22.81 8.64
CA TYR A 207 -27.54 21.76 9.02
C TYR A 207 -26.17 22.37 9.29
N THR A 208 -25.68 22.21 10.53
CA THR A 208 -24.41 22.83 10.92
C THR A 208 -23.53 21.92 11.77
N GLY A 209 -23.73 20.61 11.76
CA GLY A 209 -22.89 19.69 12.50
C GLY A 209 -23.32 19.40 13.91
N ALA A 210 -24.57 19.70 14.27
CA ALA A 210 -25.02 19.55 15.65
C ALA A 210 -24.93 18.11 16.11
N ASN A 211 -24.43 17.93 17.34
CA ASN A 211 -24.43 16.64 18.03
C ASN A 211 -23.53 15.60 17.37
N VAL A 212 -22.66 16.02 16.45
CA VAL A 212 -21.69 15.11 15.85
C VAL A 212 -20.40 15.18 16.65
N ARG A 213 -19.96 14.04 17.18
CA ARG A 213 -18.75 13.97 18.00
C ARG A 213 -17.56 13.77 17.09
N VAL A 214 -16.76 14.83 16.91
CA VAL A 214 -15.62 14.82 16.01
C VAL A 214 -14.37 14.81 16.85
N ALA A 215 -13.46 13.87 16.55
CA ALA A 215 -12.18 13.78 17.24
C ALA A 215 -11.06 14.18 16.28
N VAL A 216 -10.23 15.12 16.73
CA VAL A 216 -9.09 15.59 15.94
C VAL A 216 -7.83 15.08 16.64
N PHE A 217 -7.12 14.18 15.97
CA PHE A 217 -5.87 13.61 16.49
C PHE A 217 -4.73 14.43 15.92
N ASP A 218 -4.30 15.44 16.67
CA ASP A 218 -3.32 16.39 16.15
C ASP A 218 -2.59 17.02 17.33
N THR A 219 -1.87 18.11 17.08
CA THR A 219 -0.99 18.73 18.06
C THR A 219 -1.73 19.55 19.10
N GLY A 220 -3.02 19.33 19.31
CA GLY A 220 -3.74 19.98 20.37
C GLY A 220 -4.42 21.27 19.94
N LEU A 221 -4.95 21.98 20.93
CA LEU A 221 -5.67 23.21 20.71
C LEU A 221 -5.54 24.10 21.95
N SER A 222 -5.74 25.40 21.75
CA SER A 222 -5.66 26.35 22.85
C SER A 222 -6.86 26.19 23.78
N GLU A 223 -6.72 26.74 25.00
CA GLU A 223 -7.70 26.47 26.04
C GLU A 223 -8.99 27.24 25.82
N LYS A 224 -8.91 28.50 25.42
CA LYS A 224 -10.08 29.35 25.20
C LYS A 224 -9.99 30.03 23.84
N HIS A 225 -9.73 29.23 22.81
CA HIS A 225 -9.57 29.77 21.48
C HIS A 225 -10.86 30.48 21.05
N PRO A 226 -10.78 31.67 20.45
CA PRO A 226 -12.00 32.43 20.14
C PRO A 226 -12.83 31.84 19.01
N HIS A 227 -12.29 30.91 18.23
CA HIS A 227 -12.95 30.47 17.01
C HIS A 227 -13.85 29.27 17.21
N PHE A 228 -13.88 28.67 18.40
CA PHE A 228 -14.48 27.35 18.58
C PHE A 228 -15.57 27.37 19.64
N LYS A 229 -16.63 26.63 19.35
CA LYS A 229 -17.68 26.32 20.32
C LYS A 229 -17.72 24.82 20.53
N ASN A 230 -18.32 24.42 21.65
CA ASN A 230 -18.61 23.02 21.91
C ASN A 230 -17.35 22.14 21.83
N VAL A 231 -16.22 22.66 22.32
CA VAL A 231 -15.03 21.85 22.49
C VAL A 231 -15.19 21.08 23.79
N LYS A 232 -15.75 19.87 23.70
CA LYS A 232 -16.21 19.20 24.91
C LYS A 232 -15.07 18.61 25.73
N GLU A 233 -13.92 18.32 25.12
CA GLU A 233 -12.83 17.75 25.89
C GLU A 233 -11.50 17.99 25.20
N ARG A 234 -10.45 18.06 26.02
CA ARG A 234 -9.06 18.07 25.57
C ARG A 234 -8.28 17.11 26.44
N THR A 235 -7.57 16.17 25.82
CA THR A 235 -6.78 15.20 26.55
C THR A 235 -5.40 15.10 25.91
N ASN A 236 -4.45 14.59 26.69
CA ASN A 236 -3.05 14.54 26.29
C ASN A 236 -2.55 13.11 26.39
N TRP A 237 -2.05 12.58 25.28
CA TRP A 237 -1.48 11.25 25.23
C TRP A 237 0.01 11.26 24.90
N THR A 238 0.63 12.43 24.86
CA THR A 238 2.06 12.55 24.66
C THR A 238 2.77 12.60 26.00
N ASN A 239 4.10 12.45 25.95
CA ASN A 239 4.90 12.57 27.16
C ASN A 239 5.10 14.01 27.59
N GLU A 240 4.88 14.96 26.69
CA GLU A 240 4.91 16.38 27.06
C GLU A 240 3.72 16.72 27.93
N ARG A 241 3.94 17.59 28.91
CA ARG A 241 2.91 17.96 29.88
C ARG A 241 2.21 19.25 29.50
N THR A 242 1.43 19.24 28.42
CA THR A 242 0.68 20.41 28.01
C THR A 242 -0.41 19.99 27.04
N LEU A 243 -1.52 20.72 27.09
CA LEU A 243 -2.63 20.53 26.16
C LEU A 243 -2.72 21.62 25.11
N ASP A 244 -1.81 22.59 25.11
CA ASP A 244 -1.85 23.68 24.17
C ASP A 244 -1.13 23.31 22.87
N ASP A 245 -1.44 24.06 21.81
CA ASP A 245 -0.93 23.76 20.48
C ASP A 245 0.27 24.65 20.21
N GLY A 246 1.46 24.12 20.48
CA GLY A 246 2.67 24.87 20.24
C GLY A 246 2.96 25.11 18.77
N LEU A 247 2.66 24.14 17.92
CA LEU A 247 2.94 24.25 16.50
C LEU A 247 1.83 24.95 15.74
N GLY A 248 0.59 24.82 16.19
CA GLY A 248 -0.55 25.39 15.49
C GLY A 248 -1.12 24.53 14.40
N HIS A 249 -0.72 23.26 14.30
CA HIS A 249 -1.28 22.38 13.28
C HIS A 249 -2.60 21.79 13.74
N GLY A 250 -2.73 21.48 15.03
CA GLY A 250 -4.00 21.03 15.55
C GLY A 250 -5.04 22.12 15.58
N THR A 251 -4.61 23.38 15.66
CA THR A 251 -5.54 24.50 15.60
C THR A 251 -6.02 24.73 14.18
N PHE A 252 -5.12 24.65 13.20
CA PHE A 252 -5.51 24.81 11.81
C PHE A 252 -6.47 23.70 11.38
N VAL A 253 -6.17 22.47 11.80
CA VAL A 253 -7.01 21.32 11.42
C VAL A 253 -8.41 21.46 12.02
N ALA A 254 -8.47 21.78 13.31
CA ALA A 254 -9.77 21.90 13.97
C ALA A 254 -10.59 23.05 13.37
N GLY A 255 -9.93 24.18 13.10
CA GLY A 255 -10.64 25.31 12.51
C GLY A 255 -11.23 25.00 11.15
N VAL A 256 -10.52 24.22 10.33
CA VAL A 256 -11.05 23.84 9.04
C VAL A 256 -12.31 23.01 9.22
N ILE A 257 -12.45 22.35 10.36
CA ILE A 257 -13.61 21.49 10.60
C ILE A 257 -14.75 22.30 11.21
N ALA A 258 -14.44 23.07 12.27
CA ALA A 258 -15.50 23.67 13.08
C ALA A 258 -15.22 25.12 13.51
N SER A 259 -14.57 25.93 12.67
CA SER A 259 -14.39 27.34 13.01
C SER A 259 -15.63 28.14 12.64
N MET A 260 -15.92 29.17 13.45
CA MET A 260 -17.09 30.00 13.23
C MET A 260 -16.75 31.46 12.94
N ARG A 261 -15.47 31.82 12.92
CA ARG A 261 -15.06 33.21 12.74
C ARG A 261 -14.00 33.30 11.67
N GLU A 262 -13.98 34.45 10.98
CA GLU A 262 -13.00 34.71 9.94
C GLU A 262 -13.04 33.62 8.88
N CYS A 263 -11.97 32.83 8.75
CA CYS A 263 -11.98 31.69 7.84
C CYS A 263 -12.81 30.59 8.48
N GLN A 264 -14.01 30.38 7.95
CA GLN A 264 -15.03 29.57 8.61
C GLN A 264 -14.81 28.09 8.35
N GLY A 265 -15.47 27.27 9.16
CA GLY A 265 -15.38 25.83 9.07
C GLY A 265 -16.67 25.18 8.61
N PHE A 266 -16.61 23.89 8.29
CA PHE A 266 -17.78 23.22 7.72
C PHE A 266 -18.86 22.97 8.78
N ALA A 267 -18.46 22.61 9.99
CA ALA A 267 -19.39 22.19 11.05
C ALA A 267 -19.15 23.04 12.29
N PRO A 268 -19.66 24.27 12.31
CA PRO A 268 -19.47 25.12 13.50
C PRO A 268 -19.99 24.51 14.78
N ASP A 269 -21.10 23.78 14.71
CA ASP A 269 -21.76 23.24 15.90
C ASP A 269 -21.28 21.85 16.27
N ALA A 270 -20.24 21.34 15.61
CA ALA A 270 -19.74 20.01 15.92
C ALA A 270 -19.22 19.96 17.35
N GLU A 271 -19.37 18.80 17.97
CA GLU A 271 -18.86 18.56 19.32
C GLU A 271 -17.42 18.08 19.21
N LEU A 272 -16.50 19.04 19.21
CA LEU A 272 -15.09 18.74 19.01
C LEU A 272 -14.51 17.96 20.19
N HIS A 273 -13.68 16.97 19.90
CA HIS A 273 -12.87 16.28 20.88
C HIS A 273 -11.41 16.35 20.41
N ILE A 274 -10.55 16.96 21.21
CA ILE A 274 -9.16 17.18 20.86
C ILE A 274 -8.32 16.23 21.68
N PHE A 275 -7.65 15.28 21.02
CA PHE A 275 -6.76 14.33 21.65
C PHE A 275 -5.35 14.65 21.16
N ARG A 276 -4.51 15.17 22.05
CA ARG A 276 -3.15 15.53 21.68
C ARG A 276 -2.30 14.26 21.68
N VAL A 277 -1.97 13.77 20.49
CA VAL A 277 -1.14 12.59 20.32
C VAL A 277 0.17 12.90 19.61
N PHE A 278 0.40 14.14 19.22
CA PHE A 278 1.62 14.54 18.53
C PHE A 278 2.35 15.60 19.34
N THR A 279 3.67 15.61 19.22
CA THR A 279 4.48 16.64 19.86
C THR A 279 4.53 17.88 18.96
N ASN A 280 5.23 18.90 19.46
CA ASN A 280 5.34 20.14 18.72
C ASN A 280 6.12 19.97 17.42
N ASN A 281 6.93 18.91 17.32
CA ASN A 281 7.65 18.58 16.10
C ASN A 281 7.02 17.39 15.37
N GLN A 282 5.80 17.02 15.74
CA GLN A 282 5.02 15.99 15.04
C GLN A 282 5.63 14.61 15.20
N VAL A 283 6.07 14.28 16.41
CA VAL A 283 6.52 12.93 16.72
C VAL A 283 5.41 12.21 17.48
N SER A 284 5.28 10.92 17.24
CA SER A 284 4.23 10.12 17.88
C SER A 284 4.69 8.68 17.99
N TYR A 285 3.98 7.91 18.80
CA TYR A 285 4.27 6.50 19.00
C TYR A 285 2.98 5.71 18.96
N THR A 286 3.10 4.42 18.64
CA THR A 286 1.92 3.58 18.48
C THR A 286 1.16 3.43 19.79
N SER A 287 1.89 3.28 20.90
CA SER A 287 1.23 3.10 22.19
C SER A 287 0.34 4.29 22.53
N TRP A 288 0.76 5.50 22.16
CA TRP A 288 -0.10 6.67 22.34
C TRP A 288 -1.39 6.51 21.56
N PHE A 289 -1.28 6.10 20.29
CA PHE A 289 -2.47 5.90 19.46
C PHE A 289 -3.37 4.81 20.03
N LEU A 290 -2.78 3.69 20.48
CA LEU A 290 -3.60 2.60 20.99
C LEU A 290 -4.41 3.03 22.19
N ASP A 291 -3.79 3.76 23.12
CA ASP A 291 -4.53 4.22 24.30
C ASP A 291 -5.59 5.24 23.91
N ALA A 292 -5.25 6.17 23.01
CA ALA A 292 -6.23 7.17 22.60
C ALA A 292 -7.39 6.53 21.84
N PHE A 293 -7.09 5.55 20.98
CA PHE A 293 -8.15 4.91 20.21
C PHE A 293 -9.21 4.28 21.11
N ASN A 294 -8.77 3.67 22.20
CA ASN A 294 -9.73 3.08 23.15
C ASN A 294 -10.63 4.15 23.74
N TYR A 295 -10.07 5.30 24.10
CA TYR A 295 -10.85 6.40 24.65
C TYR A 295 -11.87 6.92 23.65
N ALA A 296 -11.51 6.98 22.37
CA ALA A 296 -12.48 7.39 21.35
C ALA A 296 -13.64 6.41 21.26
N ILE A 297 -13.36 5.12 21.41
CA ILE A 297 -14.43 4.13 21.47
C ILE A 297 -15.29 4.36 22.70
N LEU A 298 -14.65 4.67 23.84
CA LEU A 298 -15.40 4.89 25.07
C LEU A 298 -16.31 6.10 24.95
N LYS A 299 -15.86 7.14 24.25
CA LYS A 299 -16.65 8.36 24.09
C LYS A 299 -17.56 8.32 22.87
N LYS A 300 -17.62 7.20 22.17
CA LYS A 300 -18.55 7.02 21.06
C LYS A 300 -18.45 8.17 20.05
N ILE A 301 -17.25 8.36 19.51
CA ILE A 301 -17.07 9.42 18.53
C ILE A 301 -17.62 8.98 17.18
N ASP A 302 -18.00 9.95 16.36
CA ASP A 302 -18.61 9.69 15.06
C ASP A 302 -17.63 9.85 13.90
N VAL A 303 -16.91 10.96 13.87
CA VAL A 303 -15.93 11.23 12.81
C VAL A 303 -14.58 11.46 13.46
N LEU A 304 -13.58 10.74 12.98
CA LEU A 304 -12.20 10.86 13.47
C LEU A 304 -11.31 11.27 12.31
N ASN A 305 -10.45 12.26 12.55
CA ASN A 305 -9.54 12.76 11.53
C ASN A 305 -8.11 12.46 11.97
N LEU A 306 -7.33 11.89 11.06
CA LEU A 306 -5.92 11.60 11.30
C LEU A 306 -5.14 12.25 10.17
N SER A 307 -4.60 13.44 10.43
CA SER A 307 -4.00 14.23 9.36
C SER A 307 -2.61 13.71 8.98
N ILE A 308 -1.92 13.06 9.91
CA ILE A 308 -0.54 12.62 9.70
C ILE A 308 -0.53 11.10 9.75
N GLY A 309 -0.09 10.47 8.64
CA GLY A 309 0.02 9.04 8.57
C GLY A 309 1.46 8.57 8.49
N GLY A 310 1.62 7.25 8.53
CA GLY A 310 2.93 6.64 8.45
C GLY A 310 2.98 5.57 7.38
N PRO A 311 4.16 5.38 6.78
CA PRO A 311 4.28 4.33 5.75
C PRO A 311 4.02 2.93 6.27
N ASP A 312 4.24 2.67 7.56
CA ASP A 312 4.14 1.31 8.07
C ASP A 312 2.69 0.84 8.06
N PHE A 313 2.48 -0.36 7.52
CA PHE A 313 1.20 -1.04 7.61
C PHE A 313 1.31 -2.43 8.20
N MET A 314 2.54 -2.90 8.46
CA MET A 314 2.77 -4.17 9.14
C MET A 314 2.72 -4.04 10.65
N ASP A 315 2.47 -2.84 11.17
CA ASP A 315 2.29 -2.63 12.59
C ASP A 315 0.93 -3.16 13.00
N HIS A 316 0.85 -4.46 13.28
CA HIS A 316 -0.45 -5.08 13.52
C HIS A 316 -1.20 -4.45 14.68
N PRO A 317 -0.58 -4.11 15.81
CA PRO A 317 -1.36 -3.48 16.89
C PRO A 317 -2.12 -2.25 16.43
N PHE A 318 -1.50 -1.42 15.59
CA PHE A 318 -2.17 -0.22 15.11
C PHE A 318 -3.28 -0.57 14.13
N VAL A 319 -3.00 -1.50 13.21
CA VAL A 319 -3.96 -1.81 12.16
C VAL A 319 -5.20 -2.50 12.74
N ASP A 320 -4.99 -3.35 13.75
CA ASP A 320 -6.11 -4.01 14.39
C ASP A 320 -7.01 -3.01 15.11
N LYS A 321 -6.42 -2.02 15.77
CA LYS A 321 -7.21 -1.04 16.50
C LYS A 321 -8.09 -0.22 15.56
N VAL A 322 -7.57 0.12 14.38
CA VAL A 322 -8.38 0.83 13.41
C VAL A 322 -9.59 0.00 13.01
N TRP A 323 -9.38 -1.31 12.79
CA TRP A 323 -10.52 -2.18 12.49
C TRP A 323 -11.48 -2.24 13.66
N GLU A 324 -10.97 -2.36 14.88
CA GLU A 324 -11.83 -2.35 16.05
C GLU A 324 -12.54 -1.00 16.18
N LEU A 325 -11.85 0.07 15.84
CA LEU A 325 -12.46 1.40 15.87
C LEU A 325 -13.55 1.52 14.82
N THR A 326 -13.24 1.16 13.58
CA THR A 326 -14.24 1.24 12.51
C THR A 326 -15.37 0.26 12.72
N ALA A 327 -15.13 -0.84 13.44
CA ALA A 327 -16.19 -1.77 13.77
C ALA A 327 -17.16 -1.19 14.79
N ASN A 328 -16.75 -0.18 15.54
CA ASN A 328 -17.61 0.54 16.47
C ASN A 328 -18.23 1.78 15.84
N ASN A 329 -18.33 1.82 14.52
CA ASN A 329 -19.03 2.85 13.76
C ASN A 329 -18.35 4.21 13.81
N VAL A 330 -17.02 4.23 13.78
CA VAL A 330 -16.27 5.49 13.72
C VAL A 330 -15.82 5.72 12.28
N ILE A 331 -16.26 6.81 11.68
CA ILE A 331 -15.83 7.18 10.34
C ILE A 331 -14.46 7.82 10.43
N MET A 332 -13.46 7.19 9.80
CA MET A 332 -12.08 7.63 9.88
C MET A 332 -11.66 8.24 8.56
N VAL A 333 -11.03 9.41 8.63
CA VAL A 333 -10.54 10.14 7.46
C VAL A 333 -9.06 10.45 7.71
N SER A 334 -8.23 10.20 6.70
CA SER A 334 -6.80 10.41 6.85
C SER A 334 -6.19 10.80 5.52
N ALA A 335 -5.01 11.43 5.59
CA ALA A 335 -4.32 11.85 4.39
C ALA A 335 -3.49 10.72 3.82
N ILE A 336 -3.37 10.70 2.49
CA ILE A 336 -2.58 9.66 1.83
C ILE A 336 -1.09 9.97 1.86
N GLY A 337 -0.70 11.21 2.12
CA GLY A 337 0.69 11.57 2.24
C GLY A 337 1.07 12.71 1.31
N ASN A 338 2.29 13.22 1.52
CA ASN A 338 2.81 14.36 0.78
C ASN A 338 4.14 14.03 0.12
N ASP A 339 4.26 12.84 -0.47
CA ASP A 339 5.50 12.39 -1.08
C ASP A 339 5.38 12.19 -2.59
N GLY A 340 4.59 13.02 -3.27
CA GLY A 340 4.45 12.95 -4.70
C GLY A 340 5.52 13.76 -5.41
N PRO A 341 5.53 13.71 -6.75
CA PRO A 341 4.66 12.94 -7.64
C PRO A 341 5.13 11.50 -7.85
N LEU A 342 5.90 10.95 -6.93
CA LEU A 342 6.33 9.56 -7.05
C LEU A 342 5.18 8.62 -6.73
N TYR A 343 5.14 7.51 -7.46
CA TYR A 343 4.11 6.49 -7.24
C TYR A 343 4.56 5.51 -6.16
N GLY A 344 3.58 4.86 -5.53
CA GLY A 344 3.85 3.96 -4.44
C GLY A 344 4.17 4.64 -3.13
N THR A 345 3.70 5.87 -2.95
CA THR A 345 4.05 6.69 -1.79
C THR A 345 2.87 6.90 -0.85
N LEU A 346 2.01 5.89 -0.72
CA LEU A 346 0.82 6.01 0.12
C LEU A 346 1.16 5.80 1.59
N ASN A 347 0.26 6.27 2.46
CA ASN A 347 0.44 6.21 3.89
C ASN A 347 -0.76 5.55 4.55
N ASN A 348 -0.49 4.89 5.67
CA ASN A 348 -1.43 4.16 6.50
C ASN A 348 -1.90 5.02 7.66
N PRO A 349 -3.15 4.90 8.13
CA PRO A 349 -4.23 4.00 7.69
C PRO A 349 -5.08 4.51 6.52
N ALA A 350 -4.64 5.52 5.79
CA ALA A 350 -5.42 5.99 4.65
C ALA A 350 -5.48 4.94 3.54
N ASP A 351 -4.56 3.97 3.53
CA ASP A 351 -4.55 2.93 2.52
C ASP A 351 -5.39 1.72 2.92
N GLN A 352 -6.04 1.74 4.07
CA GLN A 352 -6.95 0.67 4.44
C GLN A 352 -8.26 0.80 3.66
N MET A 353 -8.95 -0.34 3.55
CA MET A 353 -10.21 -0.36 2.80
C MET A 353 -11.30 0.41 3.53
N ASP A 354 -11.27 0.37 4.87
CA ASP A 354 -12.33 0.97 5.67
C ASP A 354 -12.12 2.45 5.96
N VAL A 355 -10.97 3.01 5.61
CA VAL A 355 -10.69 4.42 5.84
C VAL A 355 -10.87 5.21 4.54
N ILE A 356 -11.25 6.47 4.66
CA ILE A 356 -11.34 7.37 3.52
C ILE A 356 -9.97 8.04 3.37
N GLY A 357 -9.24 7.69 2.31
CA GLY A 357 -7.96 8.30 2.04
C GLY A 357 -8.11 9.48 1.11
N VAL A 358 -7.65 10.65 1.54
CA VAL A 358 -7.88 11.90 0.83
C VAL A 358 -6.56 12.40 0.25
N GLY A 359 -6.59 12.79 -1.02
CA GLY A 359 -5.46 13.39 -1.68
C GLY A 359 -5.60 14.90 -1.74
N GLY A 360 -4.72 15.52 -2.52
CA GLY A 360 -4.69 16.96 -2.62
C GLY A 360 -4.60 17.50 -4.03
N ILE A 361 -5.57 18.34 -4.41
CA ILE A 361 -5.52 19.07 -5.65
C ILE A 361 -5.30 20.55 -5.35
N ASP A 362 -5.11 21.34 -6.40
CA ASP A 362 -4.99 22.78 -6.27
C ASP A 362 -6.27 23.46 -6.74
N PHE A 363 -6.31 24.78 -6.58
CA PHE A 363 -7.53 25.52 -6.89
C PHE A 363 -7.83 25.56 -8.38
N GLU A 364 -6.90 25.14 -9.24
CA GLU A 364 -7.17 24.97 -10.66
C GLU A 364 -7.57 23.53 -10.99
N ASP A 365 -7.72 22.67 -9.98
CA ASP A 365 -8.15 21.29 -10.12
C ASP A 365 -7.05 20.39 -10.69
N ASN A 366 -5.82 20.89 -10.78
CA ASN A 366 -4.68 20.03 -11.10
C ASN A 366 -4.19 19.34 -9.82
N ILE A 367 -3.69 18.12 -9.98
CA ILE A 367 -3.22 17.36 -8.83
C ILE A 367 -2.00 18.05 -8.24
N ALA A 368 -2.00 18.22 -6.92
CA ALA A 368 -0.88 18.85 -6.25
C ALA A 368 0.35 17.97 -6.33
N ARG A 369 1.50 18.60 -6.59
CA ARG A 369 2.72 17.86 -6.83
C ARG A 369 3.09 16.98 -5.64
N PHE A 370 2.78 17.43 -4.43
CA PHE A 370 3.19 16.70 -3.25
C PHE A 370 2.32 15.48 -2.96
N SER A 371 1.12 15.40 -3.53
CA SER A 371 0.18 14.37 -3.13
C SER A 371 0.70 12.98 -3.48
N SER A 372 0.57 12.06 -2.53
CA SER A 372 0.98 10.67 -2.77
C SER A 372 0.04 9.99 -3.75
N ARG A 373 0.60 9.09 -4.56
CA ARG A 373 -0.12 8.47 -5.65
C ARG A 373 0.17 6.97 -5.66
N GLY A 374 -0.63 6.24 -6.41
CA GLY A 374 -0.33 4.86 -6.75
C GLY A 374 -1.30 3.88 -6.14
N MET A 375 -1.05 2.61 -6.48
CA MET A 375 -1.77 1.49 -5.89
C MET A 375 -1.14 1.12 -4.55
N THR A 376 -1.93 0.46 -3.70
CA THR A 376 -1.38 -0.09 -2.47
C THR A 376 -0.37 -1.18 -2.80
N THR A 377 0.46 -1.51 -1.81
CA THR A 377 1.54 -2.47 -2.02
C THR A 377 1.54 -3.58 -0.98
N TRP A 378 0.46 -3.74 -0.20
CA TRP A 378 0.38 -4.87 0.71
C TRP A 378 0.39 -6.18 -0.04
N GLU A 379 -0.20 -6.19 -1.24
CA GLU A 379 -0.49 -7.43 -1.96
C GLU A 379 0.66 -7.94 -2.79
N LEU A 380 1.70 -7.13 -3.01
CA LEU A 380 2.83 -7.57 -3.82
C LEU A 380 3.62 -8.64 -3.08
N PRO A 381 4.34 -9.50 -3.80
CA PRO A 381 4.49 -9.57 -5.25
C PRO A 381 3.39 -10.39 -5.91
N GLY A 382 2.73 -11.26 -5.15
CA GLY A 382 1.80 -12.21 -5.71
C GLY A 382 0.55 -11.60 -6.29
N GLY A 383 0.00 -10.60 -5.63
CA GLY A 383 -1.25 -9.99 -6.02
C GLY A 383 -1.08 -8.64 -6.69
N TYR A 384 -2.10 -7.80 -6.52
CA TYR A 384 -2.09 -6.45 -7.06
C TYR A 384 -2.74 -5.53 -6.03
N GLY A 385 -2.38 -4.26 -6.08
CA GLY A 385 -2.85 -3.32 -5.07
C GLY A 385 -4.19 -2.71 -5.42
N ARG A 386 -4.91 -2.32 -4.37
CA ARG A 386 -6.19 -1.66 -4.55
C ARG A 386 -5.99 -0.21 -5.01
N MET A 387 -7.09 0.42 -5.39
CA MET A 387 -7.06 1.76 -5.94
C MET A 387 -7.13 2.80 -4.82
N LYS A 388 -6.12 3.67 -4.76
CA LYS A 388 -6.08 4.78 -3.83
C LYS A 388 -5.54 5.99 -4.58
N PRO A 389 -5.87 7.21 -4.12
CA PRO A 389 -6.71 7.56 -2.96
C PRO A 389 -8.18 7.33 -3.24
N ASP A 390 -9.04 7.44 -2.22
CA ASP A 390 -10.47 7.31 -2.47
C ASP A 390 -11.01 8.53 -3.23
N ILE A 391 -10.65 9.73 -2.78
CA ILE A 391 -11.08 10.97 -3.42
C ILE A 391 -10.04 12.03 -3.12
N VAL A 392 -10.10 13.13 -3.88
CA VAL A 392 -9.18 14.25 -3.69
C VAL A 392 -9.98 15.50 -3.40
N THR A 393 -9.33 16.45 -2.73
CA THR A 393 -9.92 17.76 -2.48
C THR A 393 -8.79 18.78 -2.38
N TYR A 394 -9.16 20.03 -2.19
CA TYR A 394 -8.19 21.12 -2.23
C TYR A 394 -7.20 21.00 -1.07
N GLY A 395 -5.91 21.11 -1.41
CA GLY A 395 -4.86 20.99 -0.42
C GLY A 395 -3.72 21.96 -0.67
N ALA A 396 -3.98 23.06 -1.35
CA ALA A 396 -2.96 24.04 -1.71
C ALA A 396 -3.40 25.42 -1.25
N GLY A 397 -2.77 25.93 -0.19
CA GLY A 397 -3.02 27.29 0.24
C GLY A 397 -4.37 27.53 0.88
N VAL A 398 -4.99 26.49 1.45
CA VAL A 398 -6.25 26.69 2.15
C VAL A 398 -5.98 27.48 3.43
N ARG A 399 -6.91 28.37 3.77
CA ARG A 399 -6.74 29.29 4.89
C ARG A 399 -7.54 28.80 6.09
N GLY A 400 -6.89 28.75 7.25
CA GLY A 400 -7.52 28.25 8.46
C GLY A 400 -7.04 29.02 9.68
N SER A 401 -7.55 28.60 10.83
CA SER A 401 -7.34 29.37 12.06
C SER A 401 -5.86 29.42 12.45
N GLY A 402 -5.47 30.52 13.11
CA GLY A 402 -4.17 30.60 13.73
C GLY A 402 -4.23 30.22 15.20
N VAL A 403 -3.05 30.17 15.81
CA VAL A 403 -2.95 29.69 17.19
C VAL A 403 -3.72 30.60 18.14
N LYS A 404 -3.46 31.90 18.07
CA LYS A 404 -4.15 32.86 18.91
C LYS A 404 -5.33 33.53 18.20
N GLY A 405 -5.29 33.60 16.88
CA GLY A 405 -6.36 34.21 16.13
C GLY A 405 -5.95 34.37 14.68
N GLY A 406 -6.83 35.03 13.92
CA GLY A 406 -6.54 35.27 12.53
C GLY A 406 -6.59 34.00 11.73
N CYS A 407 -6.07 34.09 10.50
CA CYS A 407 -6.06 32.97 9.58
C CYS A 407 -4.74 32.96 8.82
N ARG A 408 -4.34 31.76 8.39
CA ARG A 408 -3.07 31.55 7.72
C ARG A 408 -3.22 30.45 6.68
N ALA A 409 -2.28 30.41 5.75
CA ALA A 409 -2.33 29.46 4.64
C ALA A 409 -1.41 28.28 4.91
N LEU A 410 -1.83 27.10 4.46
CA LEU A 410 -1.02 25.90 4.51
C LEU A 410 -1.35 25.03 3.31
N SER A 411 -0.42 24.14 2.97
CA SER A 411 -0.58 23.24 1.83
C SER A 411 -0.22 21.82 2.26
N GLY A 412 -0.80 20.86 1.57
CA GLY A 412 -0.58 19.47 1.88
C GLY A 412 -1.86 18.68 1.75
N THR A 413 -1.71 17.35 1.76
CA THR A 413 -2.87 16.48 1.87
C THR A 413 -3.38 16.42 3.29
N SER A 414 -2.52 16.68 4.29
CA SER A 414 -2.98 16.84 5.66
C SER A 414 -3.85 18.08 5.82
N VAL A 415 -3.79 19.01 4.87
CA VAL A 415 -4.77 20.09 4.77
C VAL A 415 -6.02 19.62 4.07
N ALA A 416 -5.88 18.72 3.09
CA ALA A 416 -7.03 18.24 2.33
C ALA A 416 -7.89 17.29 3.16
N SER A 417 -7.26 16.56 4.08
CA SER A 417 -8.01 15.59 4.88
C SER A 417 -9.07 16.24 5.75
N PRO A 418 -8.78 17.27 6.55
CA PRO A 418 -9.84 17.87 7.38
C PRO A 418 -10.93 18.55 6.58
N VAL A 419 -10.67 18.95 5.34
CA VAL A 419 -11.74 19.45 4.48
C VAL A 419 -12.80 18.38 4.28
N VAL A 420 -12.37 17.12 4.12
CA VAL A 420 -13.31 16.02 3.98
C VAL A 420 -13.95 15.70 5.33
N ALA A 421 -13.16 15.75 6.41
CA ALA A 421 -13.72 15.51 7.73
C ALA A 421 -14.80 16.54 8.08
N GLY A 422 -14.61 17.79 7.64
CA GLY A 422 -15.67 18.77 7.81
C GLY A 422 -16.89 18.45 6.97
N ALA A 423 -16.68 18.06 5.71
CA ALA A 423 -17.80 17.67 4.86
C ALA A 423 -18.48 16.43 5.41
N VAL A 424 -17.70 15.46 5.90
CA VAL A 424 -18.28 14.26 6.48
C VAL A 424 -19.07 14.59 7.73
N THR A 425 -18.52 15.47 8.58
CA THR A 425 -19.24 15.89 9.77
C THR A 425 -20.52 16.63 9.41
N LEU A 426 -20.45 17.51 8.42
CA LEU A 426 -21.64 18.25 7.99
C LEU A 426 -22.68 17.30 7.41
N LEU A 427 -22.24 16.34 6.60
CA LEU A 427 -23.19 15.42 5.96
C LEU A 427 -23.86 14.52 6.99
N VAL A 428 -23.13 14.10 8.02
CA VAL A 428 -23.70 13.24 9.04
C VAL A 428 -24.84 13.94 9.75
N SER A 429 -24.75 15.26 9.91
CA SER A 429 -25.82 16.02 10.54
C SER A 429 -27.03 16.16 9.63
N THR A 430 -26.86 16.07 8.31
CA THR A 430 -28.00 16.23 7.41
C THR A 430 -28.92 15.00 7.44
N VAL A 431 -28.37 13.82 7.69
CA VAL A 431 -29.13 12.59 7.58
C VAL A 431 -30.27 12.62 8.60
N GLN A 432 -31.49 12.34 8.12
CA GLN A 432 -32.63 12.26 9.02
C GLN A 432 -32.61 10.96 9.84
N LYS A 433 -32.27 9.84 9.20
CA LYS A 433 -32.20 8.54 9.85
C LYS A 433 -30.74 8.23 10.11
N ARG A 434 -30.29 8.50 11.34
CA ARG A 434 -28.87 8.41 11.65
C ARG A 434 -28.35 6.98 11.54
N GLU A 435 -29.23 5.99 11.69
CA GLU A 435 -28.78 4.60 11.65
C GLU A 435 -28.19 4.22 10.30
N LEU A 436 -28.63 4.86 9.22
CA LEU A 436 -28.07 4.57 7.90
C LEU A 436 -26.59 4.92 7.81
N VAL A 437 -26.09 5.75 8.71
CA VAL A 437 -24.72 6.24 8.60
C VAL A 437 -23.77 5.23 9.25
N ASN A 438 -22.87 4.68 8.45
CA ASN A 438 -21.79 3.83 8.94
C ASN A 438 -20.59 4.07 8.03
N PRO A 439 -19.42 3.52 8.34
CA PRO A 439 -18.25 3.78 7.49
C PRO A 439 -18.47 3.43 6.03
N ALA A 440 -19.19 2.34 5.74
CA ALA A 440 -19.41 1.95 4.36
C ALA A 440 -20.32 2.93 3.63
N SER A 441 -21.46 3.27 4.23
CA SER A 441 -22.42 4.15 3.57
C SER A 441 -21.85 5.55 3.39
N MET A 442 -21.13 6.06 4.39
CA MET A 442 -20.52 7.37 4.26
C MET A 442 -19.53 7.40 3.09
N LYS A 443 -18.73 6.34 2.97
CA LYS A 443 -17.75 6.28 1.89
C LYS A 443 -18.43 6.14 0.53
N GLN A 444 -19.52 5.38 0.47
CA GLN A 444 -20.23 5.20 -0.80
C GLN A 444 -20.76 6.53 -1.31
N ALA A 445 -21.26 7.36 -0.41
CA ALA A 445 -21.78 8.67 -0.82
C ALA A 445 -20.72 9.49 -1.52
N LEU A 446 -19.54 9.60 -0.92
CA LEU A 446 -18.47 10.39 -1.51
C LEU A 446 -18.01 9.79 -2.83
N ILE A 447 -17.91 8.46 -2.89
CA ILE A 447 -17.41 7.80 -4.08
C ILE A 447 -18.31 8.10 -5.27
N ALA A 448 -19.62 7.99 -5.08
CA ALA A 448 -20.56 8.12 -6.18
C ALA A 448 -20.86 9.56 -6.56
N SER A 449 -20.50 10.52 -5.72
CA SER A 449 -20.76 11.93 -6.00
C SER A 449 -19.53 12.70 -6.45
N ALA A 450 -18.40 12.04 -6.63
CA ALA A 450 -17.18 12.74 -7.01
C ALA A 450 -17.22 13.14 -8.48
N ARG A 451 -16.38 14.12 -8.83
CA ARG A 451 -16.26 14.60 -10.20
C ARG A 451 -14.90 14.22 -10.74
N ARG A 452 -14.88 13.66 -11.95
CA ARG A 452 -13.65 13.10 -12.50
C ARG A 452 -12.81 14.20 -13.14
N LEU A 453 -11.59 14.36 -12.66
CA LEU A 453 -10.66 15.30 -13.27
C LEU A 453 -10.30 14.81 -14.67
N PRO A 454 -10.33 15.66 -15.68
CA PRO A 454 -9.97 15.20 -17.02
C PRO A 454 -8.45 15.06 -17.18
N GLY A 455 -8.05 14.01 -17.88
CA GLY A 455 -6.65 13.78 -18.19
C GLY A 455 -5.81 13.20 -17.08
N VAL A 456 -6.44 12.64 -16.04
CA VAL A 456 -5.72 12.09 -14.90
C VAL A 456 -6.23 10.68 -14.65
N ASN A 457 -5.34 9.79 -14.21
CA ASN A 457 -5.71 8.40 -14.02
C ASN A 457 -6.27 8.17 -12.62
N MET A 458 -6.87 6.99 -12.43
CA MET A 458 -7.63 6.72 -11.23
C MET A 458 -6.76 6.40 -10.02
N PHE A 459 -5.46 6.18 -10.23
CA PHE A 459 -4.53 5.98 -9.13
C PHE A 459 -3.88 7.29 -8.68
N GLU A 460 -4.28 8.41 -9.27
CA GLU A 460 -3.92 9.73 -8.78
C GLU A 460 -5.09 10.46 -8.13
N GLN A 461 -6.29 10.25 -8.62
CA GLN A 461 -7.47 10.97 -8.15
C GLN A 461 -8.51 10.06 -7.52
N GLY A 462 -8.28 8.76 -7.48
CA GLY A 462 -9.32 7.87 -7.00
C GLY A 462 -10.55 7.99 -7.87
N HIS A 463 -11.65 8.38 -7.26
CA HIS A 463 -12.90 8.55 -8.02
C HIS A 463 -13.10 9.98 -8.53
N GLY A 464 -12.34 10.95 -8.03
CA GLY A 464 -12.41 12.32 -8.50
C GLY A 464 -12.33 13.29 -7.35
N LYS A 465 -12.74 14.53 -7.62
CA LYS A 465 -12.72 15.57 -6.61
C LYS A 465 -14.06 15.63 -5.87
N LEU A 466 -13.99 15.91 -4.57
CA LEU A 466 -15.16 15.85 -3.72
C LEU A 466 -16.22 16.85 -4.18
N ASP A 467 -17.49 16.43 -4.06
CA ASP A 467 -18.64 17.28 -4.39
C ASP A 467 -19.60 17.20 -3.21
N LEU A 468 -19.61 18.25 -2.38
CA LEU A 468 -20.34 18.20 -1.12
C LEU A 468 -21.85 18.15 -1.36
N LEU A 469 -22.37 18.99 -2.25
CA LEU A 469 -23.81 19.04 -2.47
C LEU A 469 -24.32 17.73 -3.04
N ARG A 470 -23.64 17.18 -4.04
CA ARG A 470 -24.11 15.95 -4.67
C ARG A 470 -24.06 14.79 -3.68
N ALA A 471 -23.07 14.77 -2.79
CA ALA A 471 -23.00 13.72 -1.78
C ALA A 471 -24.21 13.78 -0.86
N TYR A 472 -24.66 14.98 -0.51
CA TYR A 472 -25.84 15.12 0.33
C TYR A 472 -27.06 14.50 -0.34
N GLN A 473 -27.19 14.69 -1.65
CA GLN A 473 -28.33 14.11 -2.38
C GLN A 473 -28.30 12.60 -2.33
N ILE A 474 -27.11 11.99 -2.45
CA ILE A 474 -27.03 10.53 -2.43
C ILE A 474 -27.48 9.98 -1.08
N LEU A 475 -27.02 10.60 0.01
CA LEU A 475 -27.45 10.17 1.33
C LEU A 475 -28.96 10.36 1.50
N ASN A 476 -29.50 11.46 0.97
CA ASN A 476 -30.92 11.73 1.11
C ASN A 476 -31.78 10.64 0.50
N SER A 477 -31.25 9.90 -0.48
CA SER A 477 -31.97 8.81 -1.12
C SER A 477 -31.19 7.50 -1.08
N TYR A 478 -30.62 7.16 0.07
CA TYR A 478 -29.76 5.98 0.18
C TYR A 478 -30.54 4.80 0.74
N LYS A 479 -30.11 3.60 0.33
CA LYS A 479 -30.67 2.35 0.84
C LYS A 479 -29.51 1.41 1.12
N PRO A 480 -29.47 0.76 2.29
CA PRO A 480 -28.32 -0.10 2.62
C PRO A 480 -27.98 -1.11 1.54
N GLN A 481 -26.81 -0.96 0.92
CA GLN A 481 -26.46 -1.74 -0.25
C GLN A 481 -24.95 -1.90 -0.32
N ALA A 482 -24.53 -2.92 -1.07
CA ALA A 482 -23.12 -3.17 -1.31
C ALA A 482 -22.70 -2.55 -2.63
N SER A 483 -21.46 -2.10 -2.69
CA SER A 483 -20.92 -1.45 -3.87
C SER A 483 -19.47 -1.85 -4.04
N LEU A 484 -18.96 -1.63 -5.25
CA LEU A 484 -17.61 -2.01 -5.63
C LEU A 484 -16.82 -0.77 -6.02
N SER A 485 -15.56 -0.71 -5.58
CA SER A 485 -14.63 0.33 -5.99
C SER A 485 -13.39 -0.31 -6.58
N PRO A 486 -13.12 -0.18 -7.88
CA PRO A 486 -13.89 0.55 -8.91
C PRO A 486 -15.17 -0.15 -9.33
N SER A 487 -16.12 0.62 -9.85
CA SER A 487 -17.43 0.11 -10.23
C SER A 487 -17.44 -0.65 -11.56
N TYR A 488 -16.38 -0.53 -12.35
CA TYR A 488 -16.34 -1.21 -13.64
C TYR A 488 -14.89 -1.34 -14.08
N ILE A 489 -14.66 -2.28 -15.00
CA ILE A 489 -13.36 -2.57 -15.56
C ILE A 489 -13.39 -2.20 -17.03
N ASP A 490 -12.45 -1.35 -17.45
CA ASP A 490 -12.29 -0.98 -18.86
C ASP A 490 -10.80 -0.79 -19.10
N LEU A 491 -10.14 -1.85 -19.56
CA LEU A 491 -8.71 -1.79 -19.85
C LEU A 491 -8.41 -1.17 -21.21
N THR A 492 -9.36 -0.48 -21.81
CA THR A 492 -9.20 0.06 -23.15
C THR A 492 -9.26 1.58 -23.21
N GLU A 493 -10.23 2.20 -22.54
CA GLU A 493 -10.46 3.64 -22.63
C GLU A 493 -9.81 4.31 -21.42
N CYS A 494 -8.97 5.29 -21.69
CA CYS A 494 -8.13 5.94 -20.68
C CYS A 494 -7.71 7.31 -21.22
N PRO A 495 -6.89 8.10 -20.51
CA PRO A 495 -5.98 7.81 -19.39
C PRO A 495 -6.58 7.48 -18.03
N TYR A 496 -7.91 7.39 -17.86
CA TYR A 496 -8.45 7.14 -16.52
C TYR A 496 -8.01 5.79 -15.98
N MET A 497 -8.04 4.76 -16.82
CA MET A 497 -7.82 3.39 -16.37
C MET A 497 -6.36 2.96 -16.47
N TRP A 498 -5.42 3.90 -16.55
CA TRP A 498 -4.01 3.53 -16.53
C TRP A 498 -3.72 2.74 -15.25
N PRO A 499 -2.86 1.72 -15.29
CA PRO A 499 -2.02 1.23 -16.40
C PRO A 499 -2.73 0.30 -17.36
N TYR A 500 -3.94 -0.14 -17.00
CA TYR A 500 -4.58 -1.22 -17.75
C TYR A 500 -4.77 -0.86 -19.21
N CYS A 501 -4.78 0.42 -19.55
CA CYS A 501 -4.88 0.82 -20.94
C CYS A 501 -3.51 0.89 -21.63
N SER A 502 -2.42 0.80 -20.87
CA SER A 502 -1.10 0.96 -21.45
C SER A 502 -0.74 -0.14 -22.44
N GLN A 503 -1.27 -1.35 -22.26
CA GLN A 503 -1.04 -2.43 -23.21
C GLN A 503 -2.22 -3.39 -23.20
N PRO A 504 -2.60 -3.93 -24.34
CA PRO A 504 -3.71 -4.89 -24.38
C PRO A 504 -3.30 -6.26 -23.89
N ILE A 505 -4.29 -7.14 -23.80
CA ILE A 505 -4.08 -8.51 -23.37
C ILE A 505 -3.99 -9.40 -24.61
N TYR A 506 -3.35 -10.55 -24.45
CA TYR A 506 -3.19 -11.52 -25.52
C TYR A 506 -3.05 -12.90 -24.89
N TYR A 507 -3.21 -13.94 -25.72
CA TYR A 507 -3.11 -15.29 -25.21
C TYR A 507 -1.70 -15.57 -24.73
N GLY A 508 -1.60 -16.25 -23.59
CA GLY A 508 -0.32 -16.61 -23.01
C GLY A 508 0.27 -15.55 -22.11
N GLY A 509 -0.32 -14.37 -22.06
CA GLY A 509 0.16 -13.33 -21.17
C GLY A 509 -0.19 -13.61 -19.72
N MET A 510 0.49 -12.92 -18.82
CA MET A 510 0.26 -13.13 -17.42
C MET A 510 -1.14 -12.64 -17.05
N PRO A 511 -1.82 -13.26 -16.08
CA PRO A 511 -3.18 -12.85 -15.76
C PRO A 511 -3.26 -11.39 -15.34
N THR A 512 -4.34 -10.73 -15.74
CA THR A 512 -4.62 -9.35 -15.36
C THR A 512 -5.50 -9.36 -14.12
N VAL A 513 -5.03 -8.75 -13.04
CA VAL A 513 -5.70 -8.78 -11.74
C VAL A 513 -6.14 -7.37 -11.39
N VAL A 514 -7.38 -7.24 -10.94
CA VAL A 514 -7.92 -5.98 -10.43
C VAL A 514 -8.51 -6.26 -9.06
N ASN A 515 -7.88 -5.74 -8.02
CA ASN A 515 -8.35 -5.94 -6.66
C ASN A 515 -9.43 -4.89 -6.39
N VAL A 516 -10.67 -5.35 -6.37
CA VAL A 516 -11.83 -4.48 -6.25
C VAL A 516 -12.31 -4.50 -4.81
N THR A 517 -12.56 -3.31 -4.27
CA THR A 517 -12.98 -3.18 -2.88
C THR A 517 -14.50 -3.29 -2.77
N ILE A 518 -14.96 -4.02 -1.77
CA ILE A 518 -16.39 -4.11 -1.46
C ILE A 518 -16.66 -3.30 -0.21
N LEU A 519 -17.63 -2.39 -0.28
CA LEU A 519 -18.16 -1.68 0.88
C LEU A 519 -19.59 -2.15 1.13
N ASN A 520 -19.84 -2.61 2.35
CA ASN A 520 -21.14 -3.18 2.71
C ASN A 520 -21.79 -2.25 3.72
N GLY A 521 -22.78 -1.48 3.27
CA GLY A 521 -23.50 -0.60 4.15
C GLY A 521 -24.61 -1.26 4.94
N MET A 522 -24.77 -2.57 4.81
CA MET A 522 -25.84 -3.28 5.51
C MET A 522 -25.42 -3.76 6.89
N GLY A 523 -24.13 -4.01 7.10
CA GLY A 523 -23.70 -4.51 8.39
C GLY A 523 -22.20 -4.47 8.52
N VAL A 524 -21.75 -4.60 9.76
CA VAL A 524 -20.31 -4.71 10.04
C VAL A 524 -19.78 -6.03 9.51
N THR A 525 -20.55 -7.10 9.65
CA THR A 525 -20.18 -8.42 9.15
C THR A 525 -21.02 -8.71 7.91
N GLY A 526 -20.37 -9.21 6.86
CA GLY A 526 -21.04 -9.57 5.63
C GLY A 526 -20.55 -10.91 5.14
N ARG A 527 -21.08 -11.31 3.98
CA ARG A 527 -20.77 -12.61 3.41
C ARG A 527 -21.11 -12.60 1.93
N ILE A 528 -20.36 -13.39 1.16
CA ILE A 528 -20.59 -13.55 -0.27
C ILE A 528 -21.34 -14.86 -0.46
N VAL A 529 -22.58 -14.76 -0.95
CA VAL A 529 -23.51 -15.88 -0.82
C VAL A 529 -22.99 -17.13 -1.52
N ASP A 530 -22.48 -16.97 -2.73
CA ASP A 530 -21.96 -18.10 -3.50
C ASP A 530 -20.86 -17.57 -4.42
N LYS A 531 -20.41 -18.43 -5.30
CA LYS A 531 -19.34 -18.06 -6.22
C LYS A 531 -19.82 -16.92 -7.14
N PRO A 532 -19.02 -15.88 -7.35
CA PRO A 532 -19.40 -14.85 -8.33
C PRO A 532 -19.56 -15.47 -9.72
N ASP A 533 -20.45 -14.88 -10.51
CA ASP A 533 -20.82 -15.43 -11.81
C ASP A 533 -20.26 -14.56 -12.92
N TRP A 534 -19.45 -15.16 -13.79
CA TRP A 534 -18.96 -14.49 -14.99
C TRP A 534 -19.90 -14.80 -16.14
N GLN A 535 -20.40 -13.76 -16.81
CA GLN A 535 -21.44 -13.89 -17.84
C GLN A 535 -20.97 -13.23 -19.12
N PRO A 536 -20.24 -13.94 -19.97
CA PRO A 536 -19.76 -13.33 -21.22
C PRO A 536 -20.89 -13.01 -22.18
N TYR A 537 -20.68 -11.96 -22.97
CA TYR A 537 -21.60 -11.62 -24.05
C TYR A 537 -21.10 -12.26 -25.34
N LEU A 538 -21.67 -13.41 -25.70
CA LEU A 538 -21.29 -14.04 -26.95
C LEU A 538 -21.45 -13.12 -28.15
N PRO A 539 -22.48 -12.28 -28.24
CA PRO A 539 -22.55 -11.34 -29.36
C PRO A 539 -21.35 -10.42 -29.46
N GLN A 540 -20.61 -10.22 -28.36
CA GLN A 540 -19.43 -9.36 -28.36
C GLN A 540 -18.23 -10.08 -27.78
N ASN A 541 -18.01 -11.32 -28.22
CA ASN A 541 -16.76 -12.04 -28.02
C ASN A 541 -16.39 -12.20 -26.54
N GLY A 542 -17.38 -12.39 -25.67
CA GLY A 542 -17.09 -12.64 -24.27
C GLY A 542 -16.35 -13.94 -24.04
N ASP A 543 -16.64 -14.98 -24.82
CA ASP A 543 -16.05 -16.29 -24.61
C ASP A 543 -14.54 -16.29 -24.83
N ASN A 544 -13.98 -15.25 -25.44
CA ASN A 544 -12.55 -15.11 -25.58
C ASN A 544 -11.86 -14.72 -24.27
N ILE A 545 -12.60 -14.68 -23.16
CA ILE A 545 -12.07 -14.34 -21.85
C ILE A 545 -12.48 -15.40 -20.85
N GLU A 546 -11.60 -15.70 -19.90
CA GLU A 546 -11.95 -16.50 -18.74
C GLU A 546 -11.57 -15.73 -17.48
N VAL A 547 -12.51 -15.65 -16.53
CA VAL A 547 -12.39 -14.80 -15.35
C VAL A 547 -12.37 -15.68 -14.11
N ALA A 548 -11.46 -15.37 -13.19
CA ALA A 548 -11.33 -16.11 -11.93
C ALA A 548 -11.50 -15.14 -10.78
N PHE A 549 -11.87 -15.68 -9.62
CA PHE A 549 -12.29 -14.89 -8.48
C PHE A 549 -11.68 -15.42 -7.19
N SER A 550 -11.20 -14.50 -6.35
CA SER A 550 -10.91 -14.76 -4.96
C SER A 550 -11.52 -13.63 -4.14
N TYR A 551 -11.98 -13.96 -2.94
CA TYR A 551 -12.73 -12.99 -2.16
C TYR A 551 -12.62 -13.34 -0.68
N SER A 552 -13.09 -12.42 0.15
CA SER A 552 -13.02 -12.57 1.59
C SER A 552 -14.02 -13.61 2.08
N SER A 553 -13.61 -14.37 3.11
CA SER A 553 -14.54 -15.29 3.75
C SER A 553 -15.71 -14.55 4.38
N VAL A 554 -15.42 -13.55 5.20
CA VAL A 554 -16.44 -12.68 5.79
C VAL A 554 -16.02 -11.24 5.56
N LEU A 555 -16.95 -10.44 5.06
CA LEU A 555 -16.72 -9.01 4.87
C LEU A 555 -16.81 -8.33 6.23
N TRP A 556 -15.68 -7.81 6.72
CA TRP A 556 -15.60 -7.23 8.04
C TRP A 556 -14.36 -6.35 8.12
N PRO A 557 -14.47 -5.12 8.66
CA PRO A 557 -15.66 -4.41 9.11
C PRO A 557 -16.20 -3.48 8.02
N TRP A 558 -17.42 -3.71 7.55
CA TRP A 558 -18.10 -2.90 6.56
C TRP A 558 -17.46 -2.97 5.18
N SER A 559 -16.43 -3.80 4.99
CA SER A 559 -15.73 -3.82 3.73
C SER A 559 -15.04 -5.16 3.51
N GLY A 560 -14.56 -5.37 2.30
CA GLY A 560 -13.84 -6.55 1.90
C GLY A 560 -13.29 -6.37 0.50
N TYR A 561 -12.87 -7.45 -0.16
CA TYR A 561 -12.26 -7.36 -1.47
C TYR A 561 -12.82 -8.41 -2.42
N LEU A 562 -12.71 -8.11 -3.71
CA LEU A 562 -13.03 -9.05 -4.78
C LEU A 562 -11.93 -8.90 -5.83
N ALA A 563 -11.01 -9.87 -5.86
CA ALA A 563 -9.92 -9.84 -6.82
C ALA A 563 -10.32 -10.64 -8.05
N ILE A 564 -10.31 -9.99 -9.20
CA ILE A 564 -10.70 -10.61 -10.47
C ILE A 564 -9.47 -10.79 -11.34
N SER A 565 -9.29 -12.01 -11.85
CA SER A 565 -8.17 -12.35 -12.72
C SER A 565 -8.72 -12.64 -14.11
N ILE A 566 -8.17 -11.96 -15.11
CA ILE A 566 -8.65 -12.02 -16.49
C ILE A 566 -7.54 -12.59 -17.36
N SER A 567 -7.88 -13.60 -18.17
CA SER A 567 -6.94 -14.17 -19.11
C SER A 567 -7.67 -14.52 -20.40
N VAL A 568 -6.91 -14.56 -21.48
CA VAL A 568 -7.45 -14.84 -22.82
C VAL A 568 -7.30 -16.33 -23.11
N THR A 569 -8.35 -16.92 -23.66
CA THR A 569 -8.37 -18.32 -24.01
C THR A 569 -7.66 -18.56 -25.34
N LYS A 570 -7.48 -19.84 -25.68
CA LYS A 570 -6.71 -20.19 -26.88
C LYS A 570 -7.38 -19.71 -28.15
N LYS A 571 -8.71 -19.72 -28.20
CA LYS A 571 -9.42 -19.40 -29.43
C LYS A 571 -9.09 -18.00 -29.94
N ALA A 572 -8.61 -17.12 -29.08
CA ALA A 572 -8.31 -15.75 -29.45
C ALA A 572 -6.82 -15.50 -29.66
N ALA A 573 -6.01 -16.55 -29.74
CA ALA A 573 -4.57 -16.38 -29.84
C ALA A 573 -4.16 -15.57 -31.06
N SER A 574 -4.94 -15.63 -32.14
CA SER A 574 -4.67 -14.87 -33.35
C SER A 574 -5.76 -13.84 -33.65
N TRP A 575 -6.51 -13.43 -32.64
CA TRP A 575 -7.65 -12.54 -32.83
C TRP A 575 -7.34 -11.16 -32.24
N GLU A 576 -7.94 -10.12 -32.85
CA GLU A 576 -7.83 -8.75 -32.38
C GLU A 576 -9.22 -8.15 -32.27
N GLY A 577 -9.54 -7.58 -31.13
CA GLY A 577 -10.85 -6.98 -30.95
C GLY A 577 -11.15 -6.77 -29.47
N ILE A 578 -12.44 -6.61 -29.19
CA ILE A 578 -12.96 -6.25 -27.88
C ILE A 578 -13.80 -7.40 -27.34
N ALA A 579 -13.61 -7.73 -26.07
CA ALA A 579 -14.36 -8.77 -25.39
C ALA A 579 -15.06 -8.17 -24.18
N GLN A 580 -16.32 -8.56 -23.97
CA GLN A 580 -17.17 -7.87 -23.00
C GLN A 580 -18.03 -8.85 -22.24
N GLY A 581 -18.56 -8.38 -21.12
CA GLY A 581 -19.39 -9.19 -20.25
C GLY A 581 -19.52 -8.50 -18.91
N HIS A 582 -20.15 -9.17 -17.95
CA HIS A 582 -20.30 -8.63 -16.61
C HIS A 582 -20.17 -9.72 -15.57
N VAL A 583 -19.87 -9.30 -14.35
CA VAL A 583 -19.77 -10.18 -13.19
C VAL A 583 -20.87 -9.80 -12.20
N MET A 584 -21.48 -10.81 -11.60
CA MET A 584 -22.51 -10.63 -10.57
C MET A 584 -22.02 -11.19 -9.25
N ILE A 585 -22.12 -10.40 -8.19
CA ILE A 585 -21.85 -10.85 -6.83
C ILE A 585 -23.09 -10.57 -5.99
N THR A 586 -23.25 -11.37 -4.93
CA THR A 586 -24.34 -11.21 -3.98
C THR A 586 -23.76 -11.16 -2.58
N VAL A 587 -24.14 -10.15 -1.82
CA VAL A 587 -23.68 -9.96 -0.44
C VAL A 587 -24.87 -10.10 0.49
N ALA A 588 -24.67 -10.80 1.60
CA ALA A 588 -25.70 -11.02 2.59
C ALA A 588 -25.17 -10.68 3.98
N SER A 589 -26.04 -10.10 4.80
CA SER A 589 -25.69 -9.68 6.15
C SER A 589 -26.88 -9.94 7.06
N PRO A 590 -26.66 -9.99 8.37
CA PRO A 590 -27.76 -10.34 9.28
C PRO A 590 -28.98 -9.44 9.15
N ALA A 591 -30.05 -9.84 9.83
CA ALA A 591 -31.32 -9.13 9.71
C ALA A 591 -31.24 -7.77 10.39
N GLU A 592 -31.85 -6.77 9.76
CA GLU A 592 -31.92 -5.44 10.34
C GLU A 592 -32.89 -5.44 11.53
N THR A 593 -32.78 -4.41 12.36
CA THR A 593 -33.60 -4.36 13.58
C THR A 593 -35.08 -4.25 13.26
N GLU A 594 -35.44 -3.49 12.23
CA GLU A 594 -36.85 -3.27 11.94
C GLU A 594 -37.54 -4.52 11.40
N SER A 595 -36.76 -5.49 10.92
CA SER A 595 -37.32 -6.68 10.30
C SER A 595 -37.57 -7.73 11.38
N LYS A 596 -38.84 -7.94 11.71
CA LYS A 596 -39.21 -8.98 12.67
C LYS A 596 -39.05 -10.37 12.07
N ASN A 597 -38.98 -10.49 10.74
CA ASN A 597 -38.85 -11.79 10.11
C ASN A 597 -37.50 -12.44 10.40
N GLY A 598 -36.46 -11.64 10.64
CA GLY A 598 -35.15 -12.18 10.90
C GLY A 598 -34.41 -12.71 9.69
N ALA A 599 -34.83 -12.32 8.48
CA ALA A 599 -34.17 -12.79 7.28
C ALA A 599 -32.89 -12.00 7.01
N GLU A 600 -32.02 -12.59 6.19
CA GLU A 600 -30.76 -11.94 5.86
C GLU A 600 -30.98 -10.84 4.82
N GLN A 601 -30.28 -9.72 5.00
CA GLN A 601 -30.24 -8.70 3.98
C GLN A 601 -29.46 -9.22 2.77
N THR A 602 -29.77 -8.68 1.59
CA THR A 602 -29.13 -9.14 0.37
C THR A 602 -28.96 -7.97 -0.59
N SER A 603 -27.83 -7.98 -1.30
CA SER A 603 -27.54 -6.98 -2.31
C SER A 603 -26.78 -7.64 -3.47
N THR A 604 -27.16 -7.29 -4.69
CA THR A 604 -26.55 -7.83 -5.89
C THR A 604 -25.95 -6.69 -6.71
N VAL A 605 -24.71 -6.87 -7.17
CA VAL A 605 -23.94 -5.83 -7.82
C VAL A 605 -23.38 -6.36 -9.13
N LYS A 606 -23.54 -5.59 -10.20
CA LYS A 606 -22.89 -5.89 -11.47
C LYS A 606 -21.47 -5.34 -11.47
N LEU A 607 -20.64 -5.86 -12.37
CA LEU A 607 -19.30 -5.33 -12.62
C LEU A 607 -18.97 -5.51 -14.09
N PRO A 608 -19.26 -4.53 -14.93
CA PRO A 608 -18.95 -4.67 -16.36
C PRO A 608 -17.46 -4.85 -16.58
N ILE A 609 -17.12 -5.67 -17.58
CA ILE A 609 -15.75 -5.93 -17.96
C ILE A 609 -15.62 -5.69 -19.46
N LYS A 610 -14.59 -4.94 -19.84
CA LYS A 610 -14.26 -4.69 -21.24
C LYS A 610 -12.76 -4.74 -21.41
N VAL A 611 -12.29 -5.50 -22.40
CA VAL A 611 -10.87 -5.72 -22.60
C VAL A 611 -10.56 -5.68 -24.09
N LYS A 612 -9.34 -5.27 -24.41
CA LYS A 612 -8.82 -5.27 -25.78
C LYS A 612 -7.86 -6.43 -25.92
N ILE A 613 -8.14 -7.32 -26.87
CA ILE A 613 -7.33 -8.50 -27.12
C ILE A 613 -6.55 -8.31 -28.41
N ILE A 614 -5.30 -8.73 -28.42
CA ILE A 614 -4.47 -8.68 -29.62
C ILE A 614 -3.74 -10.00 -29.78
N PRO A 615 -3.25 -10.30 -30.97
CA PRO A 615 -2.45 -11.52 -31.16
C PRO A 615 -1.22 -11.50 -30.27
N THR A 616 -0.82 -12.69 -29.83
CA THR A 616 0.34 -12.82 -28.96
C THR A 616 1.57 -12.22 -29.66
N PRO A 617 2.25 -11.26 -29.06
CA PRO A 617 3.43 -10.65 -29.71
C PRO A 617 4.56 -11.64 -29.82
N PRO A 618 5.55 -11.36 -30.67
CA PRO A 618 6.75 -12.22 -30.71
C PRO A 618 7.55 -12.14 -29.43
N ARG A 619 8.35 -13.19 -29.18
CA ARG A 619 9.14 -13.24 -27.96
C ARG A 619 10.06 -12.05 -27.84
N SER A 620 10.67 -11.63 -28.95
CA SER A 620 11.64 -10.54 -28.92
C SER A 620 11.03 -9.27 -28.35
N LYS A 621 9.72 -9.11 -28.46
CA LYS A 621 9.03 -7.92 -28.01
C LYS A 621 8.46 -8.06 -26.60
N ARG A 622 8.72 -9.16 -25.90
CA ARG A 622 8.09 -9.44 -24.62
C ARG A 622 9.16 -9.46 -23.54
N VAL A 623 8.92 -8.71 -22.46
CA VAL A 623 9.85 -8.57 -21.35
C VAL A 623 9.13 -8.97 -20.08
N LEU A 624 9.80 -9.81 -19.28
CA LEU A 624 9.26 -10.25 -17.99
C LEU A 624 9.94 -9.48 -16.87
N TRP A 625 9.14 -9.01 -15.92
CA TRP A 625 9.60 -8.15 -14.84
C TRP A 625 9.59 -8.93 -13.53
N ASP A 626 10.73 -8.96 -12.85
CA ASP A 626 10.87 -9.74 -11.62
C ASP A 626 10.40 -8.92 -10.43
N GLN A 627 9.33 -9.37 -9.79
CA GLN A 627 8.82 -8.76 -8.57
C GLN A 627 8.95 -9.64 -7.35
N TYR A 628 9.07 -10.95 -7.55
CA TYR A 628 9.06 -11.88 -6.41
C TYR A 628 10.26 -11.67 -5.51
N HIS A 629 11.43 -11.40 -6.09
CA HIS A 629 12.66 -11.28 -5.33
C HIS A 629 12.89 -9.88 -4.80
N ASN A 630 11.83 -9.11 -4.63
CA ASN A 630 11.92 -7.80 -4.00
C ASN A 630 11.56 -7.92 -2.52
N LEU A 631 12.36 -7.26 -1.68
CA LEU A 631 12.05 -7.09 -0.27
C LEU A 631 12.02 -5.60 0.05
N ARG A 632 11.12 -5.22 0.95
CA ARG A 632 10.85 -3.81 1.21
C ARG A 632 10.45 -3.60 2.65
N TYR A 633 10.72 -2.39 3.14
CA TYR A 633 9.99 -1.84 4.28
C TYR A 633 8.54 -1.63 3.83
N PRO A 634 7.55 -1.72 4.76
CA PRO A 634 7.57 -1.85 6.23
C PRO A 634 8.11 -3.12 6.88
N PRO A 635 7.88 -4.32 6.35
CA PRO A 635 8.22 -5.54 7.12
C PRO A 635 9.58 -5.47 7.81
N GLY A 636 10.62 -5.02 7.11
CA GLY A 636 11.95 -4.97 7.69
C GLY A 636 12.76 -3.84 7.10
N TYR A 637 13.94 -3.65 7.68
CA TYR A 637 14.80 -2.50 7.37
C TYR A 637 15.68 -2.83 6.16
N PHE A 638 15.42 -2.13 5.06
CA PHE A 638 16.19 -2.28 3.84
C PHE A 638 16.68 -0.90 3.40
N PRO A 639 17.98 -0.68 3.27
CA PRO A 639 18.50 0.68 3.11
C PRO A 639 18.20 1.28 1.75
N ARG A 640 18.37 2.60 1.69
CA ARG A 640 18.18 3.35 0.46
C ARG A 640 19.18 2.90 -0.60
N ASP A 641 18.93 3.33 -1.84
CA ASP A 641 19.78 2.95 -2.96
C ASP A 641 20.88 3.98 -3.20
N ASN A 642 20.53 5.26 -3.15
CA ASN A 642 21.49 6.35 -3.30
C ASN A 642 21.83 6.86 -1.90
N LEU A 643 23.09 6.64 -1.48
CA LEU A 643 23.47 6.96 -0.12
C LEU A 643 23.63 8.47 0.11
N ARG A 644 23.57 9.28 -0.94
CA ARG A 644 23.56 10.72 -0.73
C ARG A 644 22.20 11.23 -0.30
N MET A 645 21.15 10.44 -0.47
CA MET A 645 19.80 10.83 -0.07
C MET A 645 19.56 10.50 1.40
N LYS A 646 20.15 11.34 2.26
CA LYS A 646 20.00 11.15 3.71
C LYS A 646 18.56 11.30 4.16
N ASN A 647 17.78 12.13 3.47
CA ASN A 647 16.42 12.44 3.93
C ASN A 647 15.49 11.23 3.85
N ASP A 648 15.82 10.22 3.05
CA ASP A 648 14.96 9.05 2.87
C ASP A 648 15.80 7.80 3.05
N PRO A 649 15.87 7.28 4.28
CA PRO A 649 16.80 6.17 4.56
C PRO A 649 16.25 4.78 4.26
N LEU A 650 15.06 4.65 3.69
CA LEU A 650 14.44 3.35 3.47
C LEU A 650 14.08 3.14 2.01
N ASP A 651 14.00 1.88 1.62
CA ASP A 651 13.49 1.48 0.30
C ASP A 651 12.08 0.93 0.50
N TRP A 652 11.08 1.76 0.17
CA TRP A 652 9.71 1.47 0.56
C TRP A 652 8.68 1.72 -0.54
N ASN A 653 9.10 1.97 -1.78
CA ASN A 653 8.16 2.26 -2.86
C ASN A 653 7.75 1.05 -3.67
N GLY A 654 8.25 -0.14 -3.34
CA GLY A 654 7.74 -1.38 -3.89
C GLY A 654 8.47 -1.91 -5.11
N ASP A 655 9.25 -1.09 -5.81
CA ASP A 655 10.02 -1.51 -6.97
C ASP A 655 9.13 -2.21 -8.00
N HIS A 656 8.17 -1.45 -8.53
CA HIS A 656 7.20 -1.97 -9.47
C HIS A 656 7.15 -1.09 -10.72
N ILE A 657 6.88 -1.72 -11.86
CA ILE A 657 6.79 -1.00 -13.12
C ILE A 657 5.65 0.02 -13.12
N HIS A 658 4.79 0.00 -12.10
CA HIS A 658 3.75 0.98 -11.94
C HIS A 658 3.95 1.84 -10.70
N THR A 659 5.03 1.60 -9.95
CA THR A 659 5.38 2.41 -8.78
C THR A 659 6.89 2.55 -8.72
N ASN A 660 7.38 3.73 -9.08
CA ASN A 660 8.78 4.17 -9.06
C ASN A 660 9.62 3.59 -10.20
N PHE A 661 9.05 2.75 -11.05
CA PHE A 661 9.62 2.43 -12.35
C PHE A 661 8.62 2.75 -13.45
N ARG A 662 7.71 3.66 -13.15
CA ARG A 662 6.63 4.01 -14.08
C ARG A 662 7.18 4.66 -15.34
N ASP A 663 8.20 5.50 -15.20
CA ASP A 663 8.78 6.18 -16.35
C ASP A 663 9.59 5.24 -17.23
N MET A 664 10.29 4.28 -16.63
CA MET A 664 10.91 3.21 -17.41
C MET A 664 9.84 2.43 -18.17
N TYR A 665 8.76 2.07 -17.48
CA TYR A 665 7.72 1.26 -18.09
C TYR A 665 7.10 1.98 -19.29
N GLN A 666 6.84 3.28 -19.13
CA GLN A 666 6.19 4.02 -20.21
C GLN A 666 7.08 4.13 -21.43
N HIS A 667 8.39 4.30 -21.23
CA HIS A 667 9.32 4.40 -22.35
C HIS A 667 9.39 3.08 -23.11
N LEU A 668 9.41 1.96 -22.39
CA LEU A 668 9.44 0.66 -23.05
C LEU A 668 8.18 0.44 -23.89
N ARG A 669 7.02 0.80 -23.36
CA ARG A 669 5.80 0.71 -24.16
C ARG A 669 5.90 1.59 -25.40
N SER A 670 6.47 2.79 -25.25
CA SER A 670 6.66 3.68 -26.40
C SER A 670 7.61 3.08 -27.42
N MET A 671 8.47 2.15 -26.99
CA MET A 671 9.42 1.48 -27.88
C MET A 671 8.87 0.17 -28.43
N GLY A 672 7.70 -0.27 -28.00
CA GLY A 672 7.09 -1.47 -28.54
C GLY A 672 7.28 -2.74 -27.75
N TYR A 673 7.69 -2.63 -26.48
CA TYR A 673 7.93 -3.81 -25.65
C TYR A 673 6.76 -4.06 -24.71
N PHE A 674 6.33 -5.31 -24.65
CA PHE A 674 5.24 -5.72 -23.78
C PHE A 674 5.83 -6.27 -22.49
N VAL A 675 5.66 -5.54 -21.40
CA VAL A 675 6.28 -5.85 -20.13
C VAL A 675 5.24 -6.54 -19.25
N GLU A 676 5.65 -7.65 -18.64
CA GLU A 676 4.80 -8.42 -17.75
C GLU A 676 5.56 -8.71 -16.46
N VAL A 677 4.82 -8.90 -15.38
CA VAL A 677 5.39 -9.01 -14.04
C VAL A 677 5.40 -10.47 -13.63
N LEU A 678 6.45 -10.86 -12.90
CA LEU A 678 6.56 -12.20 -12.35
C LEU A 678 6.42 -12.12 -10.83
N GLY A 679 5.28 -12.57 -10.31
CA GLY A 679 4.99 -12.54 -8.89
C GLY A 679 5.23 -13.83 -8.16
N ALA A 680 5.81 -14.84 -8.80
CA ALA A 680 6.04 -16.14 -8.19
C ALA A 680 7.44 -16.61 -8.54
N PRO A 681 7.97 -17.62 -7.84
CA PRO A 681 9.35 -18.05 -8.12
C PRO A 681 9.60 -18.37 -9.58
N PHE A 682 10.88 -18.46 -9.96
CA PHE A 682 11.23 -18.70 -11.36
C PHE A 682 10.65 -19.99 -11.89
N THR A 683 10.28 -20.91 -11.01
CA THR A 683 9.68 -22.17 -11.44
C THR A 683 8.24 -22.03 -11.88
N CYS A 684 7.73 -20.81 -12.07
CA CYS A 684 6.31 -20.59 -12.35
C CYS A 684 6.10 -19.65 -13.54
N PHE A 685 6.93 -19.78 -14.58
CA PHE A 685 6.66 -19.09 -15.83
C PHE A 685 7.29 -19.87 -16.98
N ASP A 686 6.75 -19.67 -18.17
CA ASP A 686 7.20 -20.36 -19.38
C ASP A 686 8.18 -19.45 -20.12
N ALA A 687 9.47 -19.81 -20.07
CA ALA A 687 10.50 -18.96 -20.66
C ALA A 687 10.31 -18.77 -22.15
N SER A 688 9.72 -19.74 -22.85
CA SER A 688 9.58 -19.65 -24.29
C SER A 688 8.67 -18.50 -24.70
N GLN A 689 7.90 -17.95 -23.77
CA GLN A 689 7.01 -16.84 -24.09
C GLN A 689 7.72 -15.50 -24.08
N TYR A 690 8.77 -15.35 -23.28
CA TYR A 690 9.42 -14.07 -23.05
C TYR A 690 10.84 -14.08 -23.60
N GLY A 691 11.21 -12.99 -24.24
CA GLY A 691 12.54 -12.85 -24.81
C GLY A 691 13.58 -12.37 -23.82
N THR A 692 13.17 -11.62 -22.81
CA THR A 692 14.09 -11.06 -21.84
C THR A 692 13.46 -11.10 -20.45
N LEU A 693 14.26 -11.44 -19.45
CA LEU A 693 13.87 -11.43 -18.04
C LEU A 693 14.68 -10.35 -17.33
N LEU A 694 13.99 -9.36 -16.76
CA LEU A 694 14.62 -8.15 -16.24
C LEU A 694 14.59 -8.15 -14.72
N MET A 695 15.76 -8.37 -14.10
CA MET A 695 15.90 -8.34 -12.64
C MET A 695 16.58 -7.03 -12.26
N VAL A 696 15.87 -6.18 -11.54
CA VAL A 696 16.38 -4.86 -11.14
C VAL A 696 16.34 -4.76 -9.63
N ASP A 697 17.52 -4.54 -9.03
CA ASP A 697 17.65 -4.30 -7.60
C ASP A 697 16.94 -5.37 -6.77
N SER A 698 17.43 -6.60 -6.84
CA SER A 698 16.83 -7.73 -6.16
C SER A 698 17.43 -7.88 -4.77
N GLU A 699 16.57 -8.16 -3.78
CA GLU A 699 17.00 -8.34 -2.39
C GLU A 699 16.80 -9.75 -1.87
N GLU A 700 15.89 -10.52 -2.47
CA GLU A 700 15.55 -11.84 -1.96
C GLU A 700 16.62 -12.87 -2.31
N GLU A 701 16.73 -13.89 -1.47
CA GLU A 701 17.54 -15.06 -1.78
C GLU A 701 16.85 -15.89 -2.86
N TYR A 702 17.61 -16.81 -3.45
CA TYR A 702 17.14 -17.62 -4.58
C TYR A 702 17.10 -19.09 -4.20
N PHE A 703 15.99 -19.74 -4.52
CA PHE A 703 15.88 -21.18 -4.30
C PHE A 703 16.88 -21.92 -5.21
N PRO A 704 17.48 -23.00 -4.71
CA PRO A 704 18.33 -23.82 -5.60
C PRO A 704 17.59 -24.34 -6.81
N GLU A 705 16.30 -24.68 -6.65
CA GLU A 705 15.50 -25.12 -7.79
C GLU A 705 15.37 -23.99 -8.80
N GLU A 706 15.18 -22.76 -8.33
CA GLU A 706 15.06 -21.62 -9.23
C GLU A 706 16.31 -21.45 -10.08
N ILE A 707 17.48 -21.56 -9.46
CA ILE A 707 18.73 -21.35 -10.19
C ILE A 707 18.86 -22.38 -11.31
N ALA A 708 18.58 -23.64 -11.00
CA ALA A 708 18.67 -24.68 -12.01
C ALA A 708 17.67 -24.42 -13.14
N LYS A 709 16.44 -24.07 -12.79
CA LYS A 709 15.43 -23.81 -13.80
C LYS A 709 15.83 -22.63 -14.68
N LEU A 710 16.35 -21.57 -14.05
CA LEU A 710 16.75 -20.39 -14.81
C LEU A 710 17.90 -20.70 -15.76
N ARG A 711 18.87 -21.52 -15.32
CA ARG A 711 19.99 -21.87 -16.17
C ARG A 711 19.51 -22.58 -17.44
N ARG A 712 18.60 -23.54 -17.29
CA ARG A 712 18.08 -24.26 -18.45
C ARG A 712 17.33 -23.33 -19.38
N ASP A 713 16.54 -22.40 -18.83
CA ASP A 713 15.80 -21.48 -19.68
C ASP A 713 16.74 -20.59 -20.47
N VAL A 714 17.83 -20.13 -19.86
CA VAL A 714 18.79 -19.29 -20.57
C VAL A 714 19.48 -20.10 -21.66
N ASP A 715 19.81 -21.37 -21.36
CA ASP A 715 20.42 -22.21 -22.38
C ASP A 715 19.49 -22.43 -23.56
N ASN A 716 18.19 -22.22 -23.37
CA ASN A 716 17.20 -22.39 -24.43
C ASN A 716 16.78 -21.07 -25.07
N GLY A 717 17.56 -20.01 -24.90
CA GLY A 717 17.32 -18.76 -25.60
C GLY A 717 16.71 -17.65 -24.80
N LEU A 718 16.61 -17.78 -23.48
CA LEU A 718 16.11 -16.70 -22.63
C LEU A 718 17.27 -15.83 -22.16
N SER A 719 17.01 -14.54 -22.05
CA SER A 719 18.03 -13.55 -21.74
C SER A 719 17.86 -13.00 -20.33
N LEU A 720 18.98 -12.71 -19.68
CA LEU A 720 19.00 -12.13 -18.34
C LEU A 720 19.57 -10.72 -18.41
N VAL A 721 18.84 -9.75 -17.88
CA VAL A 721 19.32 -8.39 -17.70
C VAL A 721 19.22 -8.06 -16.22
N ILE A 722 20.38 -7.86 -15.58
CA ILE A 722 20.46 -7.68 -14.13
C ILE A 722 21.01 -6.29 -13.86
N PHE A 723 20.17 -5.43 -13.31
CA PHE A 723 20.58 -4.13 -12.78
C PHE A 723 20.67 -4.28 -11.27
N SER A 724 21.85 -4.04 -10.71
CA SER A 724 22.09 -4.24 -9.31
C SER A 724 22.31 -2.90 -8.60
N ASP A 725 22.68 -2.96 -7.33
CA ASP A 725 22.93 -1.76 -6.54
C ASP A 725 23.98 -2.09 -5.48
N TRP A 726 24.21 -1.14 -4.59
CA TRP A 726 25.36 -1.21 -3.69
C TRP A 726 25.19 -2.33 -2.67
N TYR A 727 26.33 -2.84 -2.20
CA TYR A 727 26.36 -3.81 -1.10
C TYR A 727 27.73 -3.75 -0.45
N ASN A 728 27.77 -3.62 0.86
CA ASN A 728 29.03 -3.57 1.60
C ASN A 728 28.71 -3.78 3.07
N THR A 729 29.36 -4.75 3.70
CA THR A 729 29.07 -5.01 5.12
C THR A 729 29.59 -3.88 6.01
N SER A 730 30.65 -3.20 5.59
CA SER A 730 31.16 -2.09 6.40
C SER A 730 30.27 -0.87 6.30
N VAL A 731 29.82 -0.52 5.08
CA VAL A 731 28.98 0.66 4.92
C VAL A 731 27.62 0.43 5.58
N MET A 732 27.12 -0.80 5.54
CA MET A 732 25.84 -1.09 6.17
C MET A 732 25.86 -0.80 7.66
N ARG A 733 26.94 -1.20 8.34
CA ARG A 733 27.07 -0.91 9.76
C ARG A 733 27.17 0.58 10.05
N LYS A 734 27.54 1.38 9.06
CA LYS A 734 27.54 2.84 9.23
C LYS A 734 26.16 3.43 8.96
N VAL A 735 25.45 2.89 7.98
CA VAL A 735 24.09 3.35 7.69
C VAL A 735 23.12 3.04 8.81
N LYS A 736 23.52 2.21 9.76
CA LYS A 736 22.72 1.99 10.97
C LYS A 736 22.29 3.32 11.56
N PHE A 737 21.01 3.41 11.93
CA PHE A 737 20.50 4.59 12.64
C PHE A 737 19.51 4.13 13.69
N TYR A 738 19.22 5.05 14.62
CA TYR A 738 18.28 4.79 15.70
C TYR A 738 16.86 5.04 15.21
N ASP A 739 15.99 4.05 15.40
CA ASP A 739 14.58 4.19 15.04
C ASP A 739 13.82 4.70 16.26
N GLU A 740 13.43 5.98 16.21
CA GLU A 740 12.79 6.59 17.37
C GLU A 740 11.40 6.03 17.63
N ASN A 741 10.69 5.62 16.57
CA ASN A 741 9.31 5.19 16.72
C ASN A 741 9.19 3.86 17.45
N THR A 742 10.22 3.02 17.40
CA THR A 742 10.22 1.77 18.14
C THR A 742 11.21 1.79 19.31
N ARG A 743 12.06 2.81 19.40
CA ARG A 743 13.03 2.90 20.49
C ARG A 743 13.99 1.71 20.48
N GLN A 744 14.73 1.57 19.38
CA GLN A 744 15.60 0.43 19.18
C GLN A 744 16.49 0.69 17.97
N TRP A 745 17.73 0.22 18.05
CA TRP A 745 18.68 0.38 16.96
C TRP A 745 18.35 -0.62 15.85
N TRP A 746 18.38 -0.16 14.61
CA TRP A 746 18.10 -1.00 13.45
C TRP A 746 19.36 -1.18 12.62
N MET A 747 19.69 -2.43 12.32
CA MET A 747 20.79 -2.75 11.43
C MET A 747 20.26 -3.13 10.05
N PRO A 748 20.92 -2.74 8.97
CA PRO A 748 20.46 -3.15 7.64
C PRO A 748 20.41 -4.68 7.52
N ASP A 749 19.23 -5.18 7.14
CA ASP A 749 19.13 -6.60 6.83
C ASP A 749 20.00 -6.96 5.63
N THR A 750 20.05 -6.09 4.63
CA THR A 750 20.94 -6.26 3.49
C THR A 750 21.28 -4.87 2.95
N GLY A 751 22.11 -4.85 1.90
CA GLY A 751 22.49 -3.61 1.25
C GLY A 751 21.46 -3.17 0.22
N GLY A 752 21.91 -2.35 -0.72
CA GLY A 752 21.05 -1.91 -1.80
C GLY A 752 20.47 -3.10 -2.55
N ALA A 753 21.34 -4.02 -2.95
CA ALA A 753 20.92 -5.31 -3.48
C ALA A 753 21.65 -6.43 -2.74
N ASN A 754 21.04 -7.61 -2.74
CA ASN A 754 21.63 -8.79 -2.11
C ASN A 754 22.65 -9.38 -3.08
N ILE A 755 23.85 -8.80 -3.05
CA ILE A 755 24.90 -9.24 -3.98
C ILE A 755 25.24 -10.70 -3.78
N PRO A 756 25.43 -11.21 -2.56
CA PRO A 756 25.71 -12.65 -2.41
C PRO A 756 24.68 -13.55 -3.06
N ALA A 757 23.40 -13.20 -2.99
CA ALA A 757 22.37 -14.04 -3.60
C ALA A 757 22.48 -14.05 -5.12
N LEU A 758 22.72 -12.87 -5.72
CA LEU A 758 22.90 -12.83 -7.17
C LEU A 758 24.14 -13.61 -7.58
N ASN A 759 25.22 -13.52 -6.81
CA ASN A 759 26.43 -14.26 -7.14
C ASN A 759 26.18 -15.77 -7.14
N GLU A 760 25.39 -16.26 -6.19
CA GLU A 760 25.04 -17.68 -6.20
C GLU A 760 24.25 -18.04 -7.45
N LEU A 761 23.46 -17.10 -7.96
CA LEU A 761 22.77 -17.32 -9.23
C LEU A 761 23.74 -17.20 -10.39
N LEU A 762 24.63 -16.21 -10.34
CA LEU A 762 25.49 -15.91 -11.48
C LEU A 762 26.71 -16.82 -11.55
N SER A 763 26.93 -17.68 -10.55
CA SER A 763 28.07 -18.58 -10.58
C SER A 763 27.97 -19.55 -11.75
N VAL A 764 26.74 -19.99 -12.08
CA VAL A 764 26.56 -20.98 -13.13
C VAL A 764 27.05 -20.50 -14.48
N TRP A 765 27.37 -19.21 -14.62
CA TRP A 765 27.99 -18.69 -15.83
C TRP A 765 29.33 -18.01 -15.55
N ASN A 766 29.90 -18.22 -14.35
CA ASN A 766 31.18 -17.62 -13.97
C ASN A 766 31.11 -16.10 -14.04
N MET A 767 30.14 -15.52 -13.35
CA MET A 767 29.97 -14.07 -13.25
C MET A 767 29.66 -13.72 -11.80
N GLY A 768 29.95 -12.48 -11.45
CA GLY A 768 29.73 -12.04 -10.08
C GLY A 768 29.84 -10.54 -9.96
N PHE A 769 29.49 -10.04 -8.78
CA PHE A 769 29.56 -8.63 -8.44
C PHE A 769 30.53 -8.40 -7.29
N SER A 770 31.00 -7.16 -7.20
CA SER A 770 31.93 -6.74 -6.15
C SER A 770 31.17 -6.03 -5.04
N ASP A 771 31.85 -5.86 -3.90
CA ASP A 771 31.33 -5.10 -2.78
C ASP A 771 31.93 -3.71 -2.69
N GLY A 772 32.23 -3.09 -3.83
CA GLY A 772 32.70 -1.73 -3.83
C GLY A 772 31.56 -0.73 -3.92
N LEU A 773 31.89 0.51 -3.55
CA LEU A 773 30.97 1.64 -3.62
C LEU A 773 31.51 2.62 -4.65
N TYR A 774 30.65 3.09 -5.54
CA TYR A 774 31.06 4.05 -6.54
C TYR A 774 29.94 5.04 -6.83
N GLU A 775 30.33 6.28 -7.07
CA GLU A 775 29.43 7.33 -7.50
C GLU A 775 30.20 8.28 -8.41
N GLY A 776 29.47 9.02 -9.23
CA GLY A 776 30.07 10.07 -10.04
C GLY A 776 29.43 10.15 -11.40
N GLU A 777 29.71 11.24 -12.08
CA GLU A 777 29.22 11.43 -13.45
C GLU A 777 30.15 10.76 -14.45
N PHE A 778 29.61 10.46 -15.62
CA PHE A 778 30.41 9.90 -16.70
C PHE A 778 29.63 10.02 -17.99
N THR A 779 30.32 9.74 -19.10
CA THR A 779 29.74 9.83 -20.43
C THR A 779 29.89 8.50 -21.16
N LEU A 780 28.82 8.09 -21.84
CA LEU A 780 28.84 6.94 -22.74
C LEU A 780 28.19 7.34 -24.06
N ALA A 781 28.92 7.17 -25.16
CA ALA A 781 28.38 7.40 -26.49
C ALA A 781 27.72 8.78 -26.59
N ASN A 782 28.41 9.79 -26.07
CA ASN A 782 27.95 11.18 -26.13
C ASN A 782 26.67 11.40 -25.32
N HIS A 783 26.42 10.58 -24.31
CA HIS A 783 25.28 10.76 -23.41
C HIS A 783 25.79 10.91 -21.99
N ASP A 784 25.41 12.00 -21.33
CA ASP A 784 25.78 12.21 -19.94
C ASP A 784 25.12 11.16 -19.06
N MET A 785 25.88 10.65 -18.09
CA MET A 785 25.39 9.61 -17.21
C MET A 785 25.80 9.93 -15.77
N TYR A 786 25.06 9.34 -14.83
CA TYR A 786 25.35 9.52 -13.41
C TYR A 786 25.21 8.19 -12.70
N TYR A 787 26.28 7.75 -12.05
CA TYR A 787 26.31 6.52 -11.25
C TYR A 787 26.01 6.89 -9.81
N ALA A 788 24.95 6.32 -9.24
CA ALA A 788 24.45 6.77 -7.95
C ALA A 788 25.22 6.16 -6.78
N SER A 789 25.07 4.86 -6.56
CA SER A 789 25.89 4.17 -5.57
C SER A 789 26.25 2.76 -5.99
N GLY A 790 26.13 2.41 -7.26
CA GLY A 790 26.20 1.03 -7.67
C GLY A 790 27.53 0.37 -7.36
N CYS A 791 27.52 -0.95 -7.50
CA CYS A 791 28.71 -1.79 -7.36
C CYS A 791 29.43 -1.92 -8.69
N SER A 792 30.36 -2.89 -8.79
CA SER A 792 31.12 -3.11 -10.01
C SER A 792 31.19 -4.61 -10.31
N ILE A 793 31.57 -4.93 -11.54
CA ILE A 793 31.65 -6.33 -11.97
C ILE A 793 32.98 -6.90 -11.48
N ALA A 794 32.91 -7.81 -10.50
CA ALA A 794 34.13 -8.43 -10.01
C ALA A 794 34.68 -9.45 -10.99
N LYS A 795 33.81 -10.24 -11.60
CA LYS A 795 34.22 -11.37 -12.43
C LYS A 795 33.34 -11.42 -13.67
N PHE A 796 33.96 -11.72 -14.82
CA PHE A 796 33.24 -11.77 -16.08
C PHE A 796 33.98 -12.69 -17.04
N PRO A 797 33.27 -13.42 -17.90
CA PRO A 797 33.94 -14.24 -18.91
C PRO A 797 34.71 -13.39 -19.91
N GLU A 798 35.83 -13.93 -20.39
CA GLU A 798 36.76 -13.16 -21.22
C GLU A 798 36.14 -12.77 -22.55
N ASP A 799 35.29 -13.62 -23.12
CA ASP A 799 34.73 -13.34 -24.44
C ASP A 799 33.76 -12.16 -24.42
N GLY A 800 33.37 -11.68 -23.24
CA GLY A 800 32.36 -10.66 -23.15
C GLY A 800 32.89 -9.26 -23.43
N VAL A 801 31.95 -8.35 -23.65
CA VAL A 801 32.26 -6.94 -23.85
C VAL A 801 32.02 -6.22 -22.53
N VAL A 802 33.09 -5.64 -21.97
CA VAL A 802 33.03 -4.89 -20.72
C VAL A 802 33.51 -3.47 -21.00
N ILE A 803 32.69 -2.49 -20.67
CA ILE A 803 33.08 -1.09 -20.76
C ILE A 803 33.24 -0.54 -19.35
N THR A 804 34.34 0.19 -19.14
CA THR A 804 34.78 0.58 -17.81
C THR A 804 34.91 2.09 -17.74
N GLN A 805 34.76 2.65 -16.52
CA GLN A 805 34.71 4.09 -16.33
C GLN A 805 35.43 4.48 -15.05
N THR A 806 35.57 5.78 -14.84
CA THR A 806 36.23 6.35 -13.67
C THR A 806 35.20 6.95 -12.73
N PHE A 807 35.35 6.71 -11.43
CA PHE A 807 34.36 7.09 -10.45
C PHE A 807 35.03 7.50 -9.14
N LYS A 808 34.29 8.24 -8.33
CA LYS A 808 34.72 8.57 -6.98
C LYS A 808 34.37 7.42 -6.04
N ASP A 809 35.25 7.15 -5.08
CA ASP A 809 35.07 6.05 -4.15
C ASP A 809 34.16 6.51 -3.02
N GLN A 810 32.87 6.21 -3.14
CA GLN A 810 31.91 6.60 -2.12
C GLN A 810 32.04 5.77 -0.85
N GLY A 811 32.57 4.55 -0.95
CA GLY A 811 32.75 3.75 0.25
C GLY A 811 33.72 4.37 1.23
N LEU A 812 34.81 4.96 0.73
CA LEU A 812 35.77 5.61 1.60
C LEU A 812 35.14 6.82 2.29
N GLU A 813 34.33 7.59 1.57
CA GLU A 813 33.70 8.76 2.15
C GLU A 813 32.81 8.37 3.33
N VAL A 814 31.94 7.38 3.15
CA VAL A 814 31.05 6.97 4.22
C VAL A 814 31.85 6.42 5.40
N LEU A 815 32.85 5.59 5.13
CA LEU A 815 33.61 4.98 6.21
C LEU A 815 34.54 5.97 6.89
N LYS A 816 35.21 6.83 6.12
CA LYS A 816 36.25 7.69 6.67
C LYS A 816 36.21 9.14 6.18
N GLN A 817 35.21 9.52 5.37
CA GLN A 817 35.06 10.90 4.90
C GLN A 817 36.28 11.38 4.12
N GLU A 818 37.08 10.46 3.59
CA GLU A 818 38.18 10.82 2.70
C GLU A 818 37.73 10.71 1.25
N THR A 819 38.48 11.35 0.37
CA THR A 819 38.14 11.42 -1.05
C THR A 819 39.16 10.64 -1.88
N ALA A 820 38.67 9.99 -2.93
CA ALA A 820 39.55 9.25 -3.83
C ALA A 820 38.83 9.06 -5.16
N VAL A 821 39.62 8.83 -6.21
CA VAL A 821 39.10 8.56 -7.55
C VAL A 821 39.66 7.23 -8.01
N VAL A 822 38.79 6.40 -8.58
CA VAL A 822 39.16 5.06 -9.05
C VAL A 822 38.97 5.03 -10.56
N GLU A 823 40.05 4.73 -11.28
CA GLU A 823 40.00 4.62 -12.73
C GLU A 823 39.72 3.18 -13.14
N ASN A 824 39.09 3.03 -14.30
CA ASN A 824 38.84 1.72 -14.89
C ASN A 824 38.00 0.84 -13.95
N VAL A 825 36.76 1.27 -13.71
CA VAL A 825 35.79 0.47 -12.96
C VAL A 825 34.87 -0.24 -13.95
N PRO A 826 34.75 -1.57 -13.90
CA PRO A 826 33.80 -2.25 -14.80
C PRO A 826 32.36 -2.18 -14.33
N ILE A 827 31.54 -1.43 -15.04
CA ILE A 827 30.14 -1.20 -14.64
C ILE A 827 29.13 -1.84 -15.59
N LEU A 828 29.49 -2.08 -16.85
CA LEU A 828 28.57 -2.65 -17.82
C LEU A 828 29.24 -3.82 -18.52
N GLY A 829 28.51 -4.92 -18.68
CA GLY A 829 29.05 -6.11 -19.29
C GLY A 829 28.04 -6.87 -20.13
N LEU A 830 28.40 -7.15 -21.38
CA LEU A 830 27.58 -7.93 -22.29
C LEU A 830 28.17 -9.32 -22.45
N TYR A 831 27.34 -10.28 -22.84
CA TYR A 831 27.79 -11.66 -22.99
C TYR A 831 26.76 -12.43 -23.80
N GLN A 832 27.25 -13.45 -24.52
CA GLN A 832 26.40 -14.34 -25.28
C GLN A 832 26.75 -15.78 -24.92
N ILE A 833 25.72 -16.55 -24.58
CA ILE A 833 25.93 -17.95 -24.16
C ILE A 833 26.50 -18.73 -25.34
N PRO A 834 27.59 -19.47 -25.17
CA PRO A 834 28.21 -20.16 -26.33
C PRO A 834 27.29 -21.16 -27.01
N ALA A 835 26.35 -21.76 -26.29
CA ALA A 835 25.50 -22.78 -26.89
C ALA A 835 24.67 -22.20 -28.02
N GLU A 836 24.45 -23.02 -29.05
CA GLU A 836 23.66 -22.59 -30.19
C GLU A 836 22.25 -22.21 -29.76
N GLY A 837 21.78 -21.07 -30.25
CA GLY A 837 20.47 -20.59 -29.85
C GLY A 837 20.36 -20.19 -28.40
N GLY A 838 21.50 -19.98 -27.73
CA GLY A 838 21.47 -19.61 -26.33
C GLY A 838 21.08 -18.16 -26.13
N GLY A 839 20.88 -17.81 -24.86
CA GLY A 839 20.51 -16.46 -24.48
C GLY A 839 21.72 -15.58 -24.24
N ARG A 840 21.43 -14.40 -23.70
CA ARG A 840 22.44 -13.39 -23.43
C ARG A 840 22.28 -12.89 -22.00
N ILE A 841 23.39 -12.45 -21.42
CA ILE A 841 23.41 -11.93 -20.06
C ILE A 841 24.02 -10.54 -20.09
N VAL A 842 23.27 -9.55 -19.62
CA VAL A 842 23.71 -8.17 -19.55
C VAL A 842 23.77 -7.77 -18.07
N LEU A 843 24.89 -7.19 -17.66
CA LEU A 843 25.10 -6.81 -16.26
C LEU A 843 25.35 -5.31 -16.17
N TYR A 844 24.65 -4.65 -15.26
CA TYR A 844 24.83 -3.22 -14.97
C TYR A 844 24.71 -3.03 -13.47
N GLY A 845 25.68 -2.32 -12.89
CA GLY A 845 25.83 -2.31 -11.45
C GLY A 845 25.01 -1.33 -10.66
N ASP A 846 24.23 -0.46 -11.31
CA ASP A 846 23.44 0.54 -10.62
C ASP A 846 21.99 0.45 -11.04
N SER A 847 21.08 0.51 -10.07
CA SER A 847 19.65 0.42 -10.35
C SER A 847 18.98 1.79 -10.43
N ASN A 848 19.70 2.87 -10.12
CA ASN A 848 19.08 4.17 -9.88
C ASN A 848 18.80 4.98 -11.14
N CYS A 849 19.39 4.63 -12.28
CA CYS A 849 19.16 5.41 -13.50
C CYS A 849 17.82 5.09 -14.14
N LEU A 850 17.15 4.01 -13.73
CA LEU A 850 15.79 3.72 -14.15
C LEU A 850 14.76 3.94 -13.05
N ASP A 851 15.19 4.42 -11.88
CA ASP A 851 14.27 4.63 -10.77
C ASP A 851 13.87 6.09 -10.68
N ASP A 852 12.59 6.34 -10.37
CA ASP A 852 12.08 7.71 -10.37
C ASP A 852 12.27 8.40 -9.03
N SER A 853 12.76 7.71 -8.00
CA SER A 853 12.70 8.25 -6.65
C SER A 853 13.34 9.63 -6.56
N HIS A 854 14.59 9.75 -7.01
CA HIS A 854 15.29 11.04 -7.01
C HIS A 854 16.09 11.23 -8.28
N ARG A 855 15.54 10.84 -9.43
CA ARG A 855 16.35 10.69 -10.63
C ARG A 855 17.08 11.97 -10.96
N GLN A 856 18.38 11.85 -11.23
CA GLN A 856 19.18 12.95 -11.72
C GLN A 856 19.33 12.93 -13.23
N LYS A 857 19.67 11.76 -13.79
CA LYS A 857 19.64 11.54 -15.24
C LYS A 857 19.05 10.16 -15.49
N ASP A 858 18.44 10.00 -16.66
CA ASP A 858 17.76 8.76 -17.03
C ASP A 858 18.61 7.99 -18.03
N CYS A 859 18.75 6.69 -17.81
CA CYS A 859 19.51 5.81 -18.68
C CYS A 859 18.60 4.97 -19.57
N PHE A 860 17.48 5.53 -20.02
CA PHE A 860 16.55 4.77 -20.85
C PHE A 860 17.13 4.49 -22.23
N TRP A 861 17.95 5.40 -22.76
CA TRP A 861 18.64 5.12 -24.01
C TRP A 861 19.49 3.85 -23.89
N LEU A 862 20.07 3.61 -22.72
CA LEU A 862 20.89 2.43 -22.51
C LEU A 862 20.02 1.17 -22.42
N LEU A 863 18.90 1.25 -21.70
CA LEU A 863 18.00 0.11 -21.62
C LEU A 863 17.50 -0.29 -23.00
N ASP A 864 17.16 0.69 -23.83
CA ASP A 864 16.70 0.39 -25.18
C ASP A 864 17.77 -0.34 -25.98
N ALA A 865 19.02 0.14 -25.90
CA ALA A 865 20.10 -0.49 -26.63
C ALA A 865 20.35 -1.90 -26.12
N LEU A 866 20.23 -2.11 -24.82
CA LEU A 866 20.48 -3.43 -24.25
C LEU A 866 19.34 -4.40 -24.57
N LEU A 867 18.10 -3.92 -24.69
CA LEU A 867 17.02 -4.79 -25.10
C LEU A 867 17.14 -5.14 -26.58
N GLN A 868 17.64 -4.21 -27.39
CA GLN A 868 17.90 -4.50 -28.80
C GLN A 868 18.94 -5.60 -28.95
N TYR A 869 19.96 -5.59 -28.09
CA TYR A 869 20.98 -6.63 -28.11
C TYR A 869 20.40 -7.97 -27.64
N THR A 870 19.68 -7.96 -26.51
CA THR A 870 19.15 -9.21 -25.97
C THR A 870 18.03 -9.77 -26.84
N SER A 871 17.21 -8.89 -27.41
CA SER A 871 16.06 -9.35 -28.19
C SER A 871 16.43 -9.76 -29.61
N TYR A 872 17.57 -9.30 -30.12
CA TYR A 872 17.96 -9.60 -31.48
C TYR A 872 19.43 -9.94 -31.66
N GLY A 873 20.22 -9.91 -30.58
CA GLY A 873 21.64 -10.21 -30.67
C GLY A 873 22.48 -9.12 -31.31
N VAL A 874 21.90 -7.95 -31.59
CA VAL A 874 22.60 -6.88 -32.29
C VAL A 874 23.42 -6.10 -31.27
N THR A 875 24.75 -6.16 -31.40
CA THR A 875 25.61 -5.40 -30.52
C THR A 875 25.76 -3.98 -31.07
N PRO A 876 25.35 -2.95 -30.35
CA PRO A 876 25.31 -1.60 -30.92
C PRO A 876 26.72 -1.04 -31.10
N PRO A 877 26.94 -0.19 -32.10
CA PRO A 877 28.25 0.45 -32.23
C PRO A 877 28.64 1.26 -31.01
N SER A 878 27.66 1.84 -30.31
CA SER A 878 27.95 2.69 -29.16
C SER A 878 28.71 1.94 -28.08
N LEU A 879 28.33 0.70 -27.82
CA LEU A 879 28.92 -0.10 -26.76
C LEU A 879 29.99 -1.06 -27.27
N SER A 880 30.38 -0.96 -28.53
CA SER A 880 31.44 -1.79 -29.10
C SER A 880 32.59 -0.99 -29.67
N HIS A 881 32.34 0.18 -30.27
CA HIS A 881 33.40 1.05 -30.74
C HIS A 881 33.90 2.01 -29.67
N SER A 882 33.31 1.99 -28.49
CA SER A 882 33.68 2.94 -27.44
C SER A 882 35.11 2.69 -26.98
N GLY A 883 35.84 3.78 -26.71
CA GLY A 883 37.19 3.67 -26.18
C GLY A 883 37.24 3.28 -24.72
N ASN A 884 36.08 3.18 -24.06
CA ASN A 884 36.01 2.75 -22.67
C ASN A 884 36.11 1.24 -22.52
N ARG A 885 36.16 0.49 -23.62
CA ARG A 885 36.24 -0.96 -23.54
C ARG A 885 37.56 -1.39 -22.90
N GLN A 886 37.50 -2.49 -22.16
CA GLN A 886 38.69 -3.05 -21.52
C GLN A 886 38.51 -4.55 -21.40
N ARG A 887 39.62 -5.24 -21.22
CA ARG A 887 39.58 -6.69 -21.07
C ARG A 887 38.72 -7.06 -19.87
N PRO A 888 37.77 -7.98 -20.01
CA PRO A 888 36.88 -8.31 -18.89
C PRO A 888 37.67 -8.78 -17.68
N PRO A 889 37.26 -8.41 -16.48
CA PRO A 889 38.01 -8.81 -15.28
C PRO A 889 38.01 -10.32 -15.12
N SER A 890 39.13 -10.84 -14.62
CA SER A 890 39.25 -12.28 -14.39
C SER A 890 38.88 -12.68 -12.97
N GLY A 891 38.84 -11.74 -12.04
CA GLY A 891 38.50 -12.06 -10.67
C GLY A 891 39.64 -12.61 -9.84
N ALA A 892 40.88 -12.32 -10.21
CA ALA A 892 42.03 -12.84 -9.48
C ALA A 892 42.30 -11.98 -8.25
N GLY A 893 42.29 -12.62 -7.07
CA GLY A 893 42.59 -11.93 -5.83
C GLY A 893 41.47 -11.11 -5.25
N SER A 894 40.28 -11.15 -5.83
CA SER A 894 39.16 -10.36 -5.33
C SER A 894 38.45 -11.10 -4.20
N VAL A 895 38.19 -10.38 -3.10
CA VAL A 895 37.47 -10.98 -1.98
C VAL A 895 35.98 -11.01 -2.31
N THR A 896 35.37 -12.18 -2.17
CA THR A 896 33.96 -12.32 -2.50
C THR A 896 33.10 -11.64 -1.43
N PRO A 897 32.04 -10.94 -1.83
CA PRO A 897 31.10 -10.40 -0.82
C PRO A 897 30.50 -11.52 0.02
N GLU A 898 30.25 -11.22 1.29
CA GLU A 898 29.72 -12.20 2.23
C GLU A 898 28.50 -11.62 2.95
N ARG A 899 27.62 -12.51 3.38
CA ARG A 899 26.48 -12.10 4.18
C ARG A 899 26.94 -11.57 5.53
N MET A 900 26.27 -10.53 6.00
CA MET A 900 26.65 -9.91 7.27
C MET A 900 26.42 -10.88 8.42
N GLU A 901 27.29 -10.79 9.42
CA GLU A 901 27.19 -11.66 10.58
C GLU A 901 25.92 -11.38 11.36
N GLY A 902 25.15 -12.44 11.63
CA GLY A 902 23.97 -12.31 12.46
C GLY A 902 22.87 -11.45 11.87
N ASN A 903 22.85 -11.26 10.56
CA ASN A 903 21.80 -10.46 9.95
C ASN A 903 20.45 -11.18 10.05
N HIS A 904 19.41 -10.38 10.30
CA HIS A 904 18.07 -10.91 10.54
C HIS A 904 17.21 -10.93 9.28
N LEU A 905 17.83 -11.05 8.10
CA LEU A 905 17.05 -11.07 6.87
C LEU A 905 16.07 -12.24 6.83
N HIS A 906 16.38 -13.32 7.52
CA HIS A 906 15.53 -14.51 7.50
C HIS A 906 14.17 -14.26 8.13
N ARG A 907 14.05 -13.28 9.03
CA ARG A 907 12.77 -13.01 9.67
C ARG A 907 11.72 -12.58 8.66
N TYR A 908 12.15 -12.01 7.52
CA TYR A 908 11.23 -11.45 6.54
C TYR A 908 11.38 -12.05 5.16
N SER A 909 12.38 -12.90 4.93
CA SER A 909 12.56 -13.51 3.62
C SER A 909 11.47 -14.52 3.35
N LYS A 910 11.08 -14.62 2.08
CA LYS A 910 10.11 -15.64 1.66
C LYS A 910 10.78 -16.97 1.38
N VAL A 911 12.11 -16.99 1.29
CA VAL A 911 12.85 -18.19 0.91
C VAL A 911 13.47 -18.87 2.12
N LEU A 912 13.89 -18.10 3.13
CA LEU A 912 14.72 -18.61 4.19
C LEU A 912 13.92 -18.93 5.44
N GLU A 913 14.27 -20.04 6.09
CA GLU A 913 13.69 -20.39 7.38
C GLU A 913 14.29 -19.52 8.48
N ALA A 914 13.49 -19.23 9.51
CA ALA A 914 13.93 -18.43 10.64
C ALA A 914 14.67 -19.31 11.65
N HIS A 915 15.92 -19.65 11.30
CA HIS A 915 16.77 -20.46 12.15
C HIS A 915 17.60 -19.65 13.12
N LEU A 916 17.53 -18.32 13.07
CA LEU A 916 18.25 -17.44 13.98
C LEU A 916 19.75 -17.45 13.72
N GLY A 917 20.18 -18.21 12.71
CA GLY A 917 21.59 -18.30 12.38
C GLY A 917 21.85 -19.29 11.27
N ASP A 918 22.66 -18.91 10.30
CA ASP A 918 22.92 -19.74 9.13
C ASP A 918 21.61 -20.21 8.51
N PRO A 919 20.72 -19.30 8.13
CA PRO A 919 19.41 -19.70 7.61
C PRO A 919 19.53 -20.47 6.30
N LYS A 920 18.53 -21.32 6.07
CA LYS A 920 18.52 -22.20 4.92
C LYS A 920 17.20 -22.06 4.17
N PRO A 921 17.20 -22.27 2.85
CA PRO A 921 15.95 -22.16 2.09
C PRO A 921 14.88 -23.14 2.55
N ARG A 922 13.63 -22.70 2.49
CA ARG A 922 12.47 -23.55 2.76
C ARG A 922 12.28 -24.48 1.58
N PRO A 923 11.34 -25.44 1.65
CA PRO A 923 10.95 -26.17 0.45
C PRO A 923 10.36 -25.22 -0.58
N LEU A 924 10.55 -25.56 -1.85
CA LEU A 924 10.02 -24.73 -2.92
C LEU A 924 8.50 -24.71 -2.84
N PRO A 925 7.86 -23.55 -2.67
CA PRO A 925 6.39 -23.53 -2.62
C PRO A 925 5.78 -23.78 -3.97
N ALA A 926 4.58 -24.35 -3.97
CA ALA A 926 3.88 -24.65 -5.20
C ALA A 926 3.48 -23.36 -5.92
N CYS A 927 3.42 -23.43 -7.24
CA CYS A 927 3.01 -22.28 -8.02
C CYS A 927 1.54 -21.97 -7.76
N PRO A 928 1.15 -20.69 -7.78
CA PRO A 928 -0.26 -20.35 -7.55
C PRO A 928 -1.15 -20.85 -8.68
N ARG A 929 -2.41 -21.11 -8.33
CA ARG A 929 -3.39 -21.59 -9.29
C ARG A 929 -4.70 -20.85 -9.06
N LEU A 930 -5.52 -20.80 -10.11
CA LEU A 930 -6.76 -20.05 -10.12
C LEU A 930 -7.92 -20.97 -10.48
N SER A 931 -9.09 -20.69 -9.91
CA SER A 931 -10.31 -21.44 -10.19
C SER A 931 -11.17 -20.61 -11.13
N TRP A 932 -10.98 -20.84 -12.43
CA TRP A 932 -11.71 -20.07 -13.44
C TRP A 932 -13.19 -20.43 -13.41
N ALA A 933 -14.02 -19.43 -13.66
CA ALA A 933 -15.47 -19.61 -13.68
C ALA A 933 -15.90 -20.34 -14.95
N GLN B 60 -33.48 -5.74 26.58
CA GLN B 60 -32.49 -5.37 25.52
C GLN B 60 -31.07 -5.40 26.08
N CYS B 61 -30.39 -6.52 25.88
CA CYS B 61 -29.05 -6.69 26.41
C CYS B 61 -28.07 -5.78 25.69
N ARG B 62 -27.10 -5.24 26.43
CA ARG B 62 -25.93 -4.66 25.81
C ARG B 62 -25.03 -5.77 25.28
N ASN B 63 -24.25 -5.44 24.25
CA ASN B 63 -23.45 -6.45 23.57
C ASN B 63 -22.15 -5.85 23.08
N SER B 64 -21.16 -6.71 22.86
CA SER B 64 -19.88 -6.33 22.29
C SER B 64 -20.02 -6.12 20.80
N ILE B 65 -20.22 -4.88 20.39
CA ILE B 65 -20.64 -4.55 19.03
C ILE B 65 -19.66 -5.05 17.96
N GLN B 66 -18.37 -5.13 18.32
CA GLN B 66 -17.32 -5.21 17.31
C GLN B 66 -17.00 -6.63 16.84
N GLY B 67 -17.52 -7.65 17.51
CA GLY B 67 -17.04 -9.00 17.26
C GLY B 67 -17.14 -9.40 15.80
N LYS B 68 -16.05 -9.95 15.27
CA LYS B 68 -16.05 -10.44 13.89
C LYS B 68 -16.89 -11.70 13.73
N HIS B 69 -16.71 -12.66 14.62
CA HIS B 69 -17.45 -13.92 14.59
C HIS B 69 -18.38 -14.08 15.78
N LEU B 70 -17.99 -13.60 16.94
CA LEU B 70 -18.71 -13.83 18.19
C LEU B 70 -19.19 -12.53 18.79
N ILE B 71 -20.14 -12.63 19.71
CA ILE B 71 -20.67 -11.49 20.44
C ILE B 71 -20.87 -11.90 21.89
N THR B 72 -20.54 -10.99 22.80
CA THR B 72 -20.73 -11.21 24.23
C THR B 72 -21.81 -10.28 24.73
N ASP B 73 -22.79 -10.84 25.43
CA ASP B 73 -23.92 -10.09 25.98
C ASP B 73 -23.68 -9.78 27.45
N GLU B 74 -24.36 -8.74 27.94
CA GLU B 74 -24.14 -8.29 29.30
C GLU B 74 -24.56 -9.31 30.33
N LEU B 75 -25.30 -10.34 29.93
CA LEU B 75 -25.66 -11.42 30.85
C LEU B 75 -24.50 -12.38 31.09
N GLY B 76 -23.52 -12.42 30.19
CA GLY B 76 -22.35 -13.26 30.36
C GLY B 76 -22.20 -14.38 29.35
N TYR B 77 -22.95 -14.37 28.26
CA TYR B 77 -22.90 -15.44 27.28
C TYR B 77 -22.10 -15.01 26.06
N VAL B 78 -21.58 -16.00 25.34
CA VAL B 78 -20.89 -15.80 24.07
C VAL B 78 -21.64 -16.55 22.99
N CYS B 79 -21.96 -15.86 21.90
CA CYS B 79 -22.79 -16.46 20.86
C CYS B 79 -22.33 -15.99 19.49
N GLU B 80 -22.45 -16.88 18.50
CA GLU B 80 -22.13 -16.51 17.14
C GLU B 80 -23.15 -15.51 16.59
N ARG B 81 -22.70 -14.71 15.63
CA ARG B 81 -23.56 -13.64 15.10
C ARG B 81 -24.89 -14.19 14.62
N LYS B 82 -24.88 -15.38 14.03
CA LYS B 82 -26.11 -15.94 13.47
C LYS B 82 -27.17 -16.17 14.54
N ASP B 83 -26.75 -16.47 15.77
CA ASP B 83 -27.66 -16.82 16.85
C ASP B 83 -27.97 -15.64 17.77
N LEU B 84 -27.53 -14.43 17.41
CA LEU B 84 -27.83 -13.26 18.21
C LEU B 84 -29.23 -12.75 17.90
N LEU B 85 -29.97 -12.39 18.94
CA LEU B 85 -31.32 -11.89 18.78
C LEU B 85 -31.32 -10.41 18.41
N VAL B 86 -32.40 -9.98 17.77
CA VAL B 86 -32.53 -8.59 17.32
C VAL B 86 -32.83 -7.68 18.50
N ASN B 87 -32.92 -8.25 19.70
CA ASN B 87 -33.05 -7.47 20.93
C ASN B 87 -31.70 -7.21 21.59
N GLY B 88 -30.60 -7.70 21.01
CA GLY B 88 -29.28 -7.51 21.58
C GLY B 88 -28.82 -8.62 22.50
N CYS B 89 -29.63 -9.64 22.73
CA CYS B 89 -29.29 -10.73 23.62
C CYS B 89 -28.91 -11.97 22.81
N CYS B 90 -28.08 -12.82 23.41
CA CYS B 90 -27.76 -14.11 22.80
C CYS B 90 -28.91 -15.09 23.05
N ASN B 91 -29.21 -15.88 22.04
CA ASN B 91 -30.31 -16.85 22.12
C ASN B 91 -29.86 -18.03 22.97
N VAL B 92 -30.32 -18.06 24.23
CA VAL B 92 -29.93 -19.12 25.15
C VAL B 92 -30.45 -20.48 24.69
N ASN B 93 -31.57 -20.52 23.96
CA ASN B 93 -32.17 -21.77 23.55
C ASN B 93 -31.33 -22.54 22.54
N VAL B 94 -30.33 -21.91 21.94
CA VAL B 94 -29.47 -22.53 20.93
C VAL B 94 -28.18 -22.96 21.62
N PRO B 95 -27.68 -24.17 21.36
CA PRO B 95 -26.46 -24.62 22.06
C PRO B 95 -25.23 -23.77 21.76
N SER B 96 -25.21 -23.04 20.65
CA SER B 96 -24.04 -22.21 20.33
C SER B 96 -23.80 -21.15 21.39
N THR B 97 -24.81 -20.82 22.19
CA THR B 97 -24.69 -19.84 23.26
C THR B 97 -24.12 -20.53 24.49
N LYS B 98 -23.03 -20.01 25.02
CA LYS B 98 -22.34 -20.58 26.17
C LYS B 98 -22.26 -19.53 27.27
N GLN B 99 -22.41 -19.97 28.52
CA GLN B 99 -22.45 -19.03 29.63
C GLN B 99 -21.07 -18.90 30.28
N TYR B 100 -20.60 -17.66 30.40
CA TYR B 100 -19.33 -17.36 31.07
C TYR B 100 -18.21 -18.26 30.56
N CYS B 101 -18.08 -18.32 29.23
CA CYS B 101 -17.14 -19.24 28.60
C CYS B 101 -15.73 -18.64 28.63
N CYS B 102 -14.87 -19.21 29.47
CA CYS B 102 -13.48 -18.79 29.57
C CYS B 102 -12.57 -19.60 28.64
N ASP B 103 -13.12 -20.17 27.57
CA ASP B 103 -12.31 -20.91 26.62
C ASP B 103 -11.32 -19.98 25.92
N GLY B 104 -10.14 -20.51 25.61
CA GLY B 104 -9.09 -19.71 25.03
C GLY B 104 -8.36 -18.83 26.02
N CYS B 105 -8.58 -19.02 27.31
CA CYS B 105 -7.97 -18.19 28.35
C CYS B 105 -6.99 -19.01 29.17
N TRP B 106 -5.84 -18.40 29.48
CA TRP B 106 -4.78 -19.04 30.24
C TRP B 106 -4.85 -18.63 31.70
N PRO B 107 -4.11 -19.32 32.57
CA PRO B 107 -4.15 -18.95 34.00
C PRO B 107 -3.70 -17.53 34.28
N ASN B 108 -2.87 -16.95 33.41
CA ASN B 108 -2.40 -15.58 33.61
C ASN B 108 -3.49 -14.54 33.39
N GLY B 109 -4.73 -14.95 33.12
CA GLY B 109 -5.81 -14.01 32.93
C GLY B 109 -5.91 -13.44 31.54
N CYS B 110 -5.22 -14.03 30.58
CA CYS B 110 -5.20 -13.53 29.21
C CYS B 110 -5.88 -14.54 28.28
N CYS B 111 -6.54 -14.00 27.25
CA CYS B 111 -7.37 -14.81 26.35
C CYS B 111 -7.02 -14.48 24.91
N SER B 112 -7.40 -15.39 24.01
CA SER B 112 -7.10 -15.24 22.60
C SER B 112 -8.20 -14.50 21.84
N ALA B 113 -9.37 -14.32 22.43
CA ALA B 113 -10.47 -13.65 21.77
C ALA B 113 -11.09 -12.63 22.71
N TYR B 114 -11.54 -11.51 22.13
CA TYR B 114 -12.10 -10.43 22.94
C TYR B 114 -13.36 -10.86 23.66
N GLU B 115 -14.23 -11.60 22.96
CA GLU B 115 -15.51 -11.99 23.54
C GLU B 115 -15.34 -12.98 24.68
N TYR B 116 -14.41 -13.93 24.54
CA TYR B 116 -14.12 -14.82 25.65
C TYR B 116 -13.59 -14.06 26.86
N CYS B 117 -12.72 -13.07 26.62
CA CYS B 117 -12.24 -12.24 27.72
C CYS B 117 -13.40 -11.54 28.42
N VAL B 118 -14.29 -10.90 27.64
CA VAL B 118 -15.40 -10.18 28.23
C VAL B 118 -16.29 -11.13 29.03
N SER B 119 -16.56 -12.31 28.47
CA SER B 119 -17.42 -13.27 29.16
C SER B 119 -16.80 -13.75 30.46
N CYS B 120 -15.49 -14.04 30.43
CA CYS B 120 -14.84 -14.52 31.65
C CYS B 120 -14.73 -13.41 32.69
N CYS B 121 -14.69 -12.15 32.25
CA CYS B 121 -14.67 -11.04 33.18
C CYS B 121 -15.97 -10.94 33.96
N LEU B 122 -17.07 -11.45 33.41
CA LEU B 122 -18.38 -11.39 34.04
C LEU B 122 -18.71 -12.67 34.82
N GLN B 123 -17.72 -13.53 35.06
CA GLN B 123 -17.97 -14.75 35.80
C GLN B 123 -18.55 -14.44 37.17
N PRO B 124 -19.65 -15.09 37.59
CA PRO B 124 -20.24 -14.78 38.89
C PRO B 124 -19.35 -15.25 40.06
N HIS B 151 -20.83 -4.36 35.71
CA HIS B 151 -19.41 -4.43 35.42
C HIS B 151 -19.15 -4.45 33.92
N PHE B 152 -20.20 -4.28 33.13
CA PHE B 152 -20.10 -4.56 31.70
C PHE B 152 -19.18 -3.57 31.00
N GLU B 153 -19.34 -2.27 31.26
CA GLU B 153 -18.47 -1.28 30.63
C GLU B 153 -17.02 -1.47 31.06
N LEU B 154 -16.79 -1.75 32.34
CA LEU B 154 -15.43 -1.98 32.82
C LEU B 154 -14.80 -3.17 32.12
N CYS B 155 -15.56 -4.26 31.99
CA CYS B 155 -15.03 -5.44 31.31
C CYS B 155 -14.79 -5.16 29.83
N LEU B 156 -15.68 -4.40 29.20
CA LEU B 156 -15.50 -4.07 27.78
C LEU B 156 -14.23 -3.27 27.56
N ALA B 157 -14.00 -2.26 28.40
CA ALA B 157 -12.81 -1.43 28.23
C ALA B 157 -11.55 -2.18 28.58
N LYS B 158 -11.59 -2.94 29.70
CA LYS B 158 -10.38 -3.60 30.18
C LYS B 158 -9.85 -4.63 29.20
N CYS B 159 -10.75 -5.43 28.62
CA CYS B 159 -10.33 -6.53 27.77
C CYS B 159 -9.63 -6.05 26.51
N ARG B 160 -9.82 -4.79 26.11
CA ARG B 160 -9.20 -4.30 24.89
C ARG B 160 -7.69 -4.30 25.01
N THR B 161 -7.02 -4.48 23.87
CA THR B 161 -5.59 -4.31 23.81
C THR B 161 -5.23 -2.86 24.08
N SER B 162 -4.20 -2.65 24.89
CA SER B 162 -3.77 -1.31 25.28
C SER B 162 -2.26 -1.21 25.10
N SER B 163 -1.70 -0.10 25.57
CA SER B 163 -0.26 0.11 25.45
C SER B 163 0.52 -0.93 26.24
N GLN B 164 -0.11 -1.52 27.26
CA GLN B 164 0.54 -2.55 28.06
C GLN B 164 0.58 -3.91 27.38
N SER B 165 -0.05 -4.03 26.21
CA SER B 165 -0.06 -5.28 25.45
C SER B 165 0.92 -5.28 24.30
N VAL B 166 1.79 -4.27 24.20
CA VAL B 166 2.73 -4.17 23.09
C VAL B 166 4.13 -3.95 23.66
N GLN B 167 5.14 -4.31 22.86
CA GLN B 167 6.53 -4.13 23.22
C GLN B 167 7.26 -3.49 22.05
N HIS B 168 8.12 -2.51 22.36
CA HIS B 168 8.79 -1.73 21.32
C HIS B 168 7.78 -1.04 20.42
N GLU B 169 6.58 -0.81 20.97
CA GLU B 169 5.54 0.01 20.37
C GLU B 169 4.81 -0.63 19.19
N ASN B 170 5.38 -1.65 18.57
CA ASN B 170 4.85 -2.17 17.31
C ASN B 170 4.79 -3.69 17.28
N THR B 171 4.84 -4.34 18.44
CA THR B 171 4.72 -5.79 18.52
C THR B 171 3.99 -6.16 19.80
N TYR B 172 3.08 -7.12 19.69
CA TYR B 172 2.40 -7.68 20.86
C TYR B 172 3.36 -8.46 21.72
N ARG B 173 3.21 -8.34 23.04
CA ARG B 173 4.00 -9.16 23.95
C ARG B 173 3.66 -10.63 23.81
N ASP B 174 2.37 -10.96 23.69
CA ASP B 174 1.91 -12.34 23.53
C ASP B 174 0.79 -12.35 22.51
N PRO B 175 1.13 -12.51 21.23
CA PRO B 175 0.10 -12.39 20.17
C PRO B 175 -1.05 -13.36 20.34
N ILE B 176 -0.82 -14.53 20.93
CA ILE B 176 -1.86 -15.53 21.04
C ILE B 176 -2.87 -15.22 22.14
N ALA B 177 -2.48 -14.41 23.13
CA ALA B 177 -3.31 -14.14 24.29
C ALA B 177 -3.33 -12.64 24.58
N LYS B 178 -3.58 -11.85 23.53
CA LYS B 178 -3.42 -10.40 23.65
C LYS B 178 -4.42 -9.77 24.61
N TYR B 179 -5.59 -10.36 24.78
CA TYR B 179 -6.64 -9.81 25.63
C TYR B 179 -6.50 -10.37 27.03
N CYS B 180 -6.55 -9.51 28.04
CA CYS B 180 -6.38 -9.91 29.43
C CYS B 180 -7.40 -9.21 30.32
N TYR B 181 -8.04 -9.99 31.19
CA TYR B 181 -8.95 -9.46 32.18
C TYR B 181 -8.37 -9.45 33.58
N GLY B 182 -7.26 -10.14 33.82
CA GLY B 182 -6.63 -10.18 35.12
C GLY B 182 -5.71 -9.01 35.38
#